data_8I1W
#
_entry.id   8I1W
#
_cell.length_a   61.680
_cell.length_b   79.680
_cell.length_c   77.650
_cell.angle_alpha   90.00
_cell.angle_beta   106.04
_cell.angle_gamma   90.00
#
_symmetry.space_group_name_H-M   'P 1 21 1'
#
loop_
_entity.id
_entity.type
_entity.pdbx_description
1 polymer 'Tryptophan--tRNA ligase'
2 non-polymer 'SULFATE ION'
3 non-polymer "TRYPTOPHANYL-5'AMP"
4 water water
#
_entity_poly.entity_id   1
_entity_poly.type   'polypeptide(L)'
_entity_poly.pdbx_seq_one_letter_code
;MTKPIVFSGAQPSGELTIGNYMGALRQWVNMQDDYHCIYCIVDQHAITVRQDAQKLRKATLDTLALYLACGIDPEKSTIF
VQSHVPEHAQLGWALNCYTYFGELSRMTQFKDKSARYAENINAGLFDYPVLMAADILLYQTNLVPVGEDQKQHLELSRDI
AQRFNALYGEIFKVPEPFIPKSGARVMSLLEPTKKMSKSDDNRNNVIGLLEDPKSVVKKIKRAVTDSDEPPVVRYDVQNK
AGVSNLLDILSAVTGQSIPELEKQFEGKMYGHLKGEVADAVSGMLTELQERYHRFRNDEAFLQQVMKDGAEKASAHASRT
LKAVYEAIGFVAKRHHHHHH
;
_entity_poly.pdbx_strand_id   A,B
#
loop_
_chem_comp.id
_chem_comp.type
_chem_comp.name
_chem_comp.formula
SO4 non-polymer 'SULFATE ION' 'O4 S -2'
TYM non-polymer TRYPTOPHANYL-5'AMP 'C21 H24 N7 O8 P'
#
# COMPACT_ATOMS: atom_id res chain seq x y z
N LYS A 3 13.11 -27.24 -6.49
CA LYS A 3 11.61 -27.37 -6.41
C LYS A 3 10.96 -26.00 -6.62
N PRO A 4 10.13 -25.86 -7.68
CA PRO A 4 9.58 -24.52 -7.95
C PRO A 4 8.53 -24.05 -6.95
N ILE A 5 8.43 -22.74 -6.79
CA ILE A 5 7.51 -22.10 -5.87
C ILE A 5 6.27 -21.65 -6.64
N VAL A 6 5.11 -22.01 -6.11
CA VAL A 6 3.82 -21.69 -6.71
C VAL A 6 3.06 -20.79 -5.75
N PHE A 7 2.51 -19.69 -6.26
CA PHE A 7 1.72 -18.76 -5.44
C PHE A 7 0.28 -18.65 -5.93
N SER A 8 -0.67 -18.84 -5.01
CA SER A 8 -2.10 -18.68 -5.29
C SER A 8 -2.72 -17.77 -4.24
N GLY A 9 -3.49 -16.79 -4.70
CA GLY A 9 -4.29 -15.93 -3.82
C GLY A 9 -5.71 -16.47 -3.74
N ALA A 10 -6.20 -16.68 -2.52
CA ALA A 10 -7.55 -17.18 -2.28
C ALA A 10 -8.41 -16.07 -1.68
N GLN A 11 -9.45 -15.64 -2.40
CA GLN A 11 -10.34 -14.58 -1.91
C GLN A 11 -11.22 -15.09 -0.75
N PRO A 12 -11.25 -14.35 0.38
CA PRO A 12 -12.14 -14.67 1.51
C PRO A 12 -13.53 -14.05 1.30
N SER A 13 -14.26 -14.60 0.36
CA SER A 13 -15.56 -14.08 -0.08
C SER A 13 -16.23 -15.03 -1.06
N GLY A 14 -15.42 -15.55 -2.00
CA GLY A 14 -15.85 -16.62 -2.89
C GLY A 14 -16.39 -17.85 -2.16
N GLU A 15 -17.57 -18.30 -2.60
CA GLU A 15 -18.13 -19.57 -2.17
C GLU A 15 -17.78 -20.57 -3.26
N LEU A 16 -16.87 -21.51 -2.93
CA LEU A 16 -16.30 -22.41 -3.94
C LEU A 16 -17.34 -23.37 -4.49
N THR A 17 -17.26 -23.58 -5.80
CA THR A 17 -18.17 -24.49 -6.51
C THR A 17 -17.48 -25.81 -6.79
N ILE A 18 -18.24 -26.79 -7.28
CA ILE A 18 -17.66 -28.05 -7.73
C ILE A 18 -16.71 -27.87 -8.93
N GLY A 19 -16.91 -26.79 -9.70
CA GLY A 19 -15.98 -26.40 -10.76
C GLY A 19 -14.63 -25.97 -10.24
N ASN A 20 -14.62 -25.17 -9.18
CA ASN A 20 -13.38 -24.77 -8.50
C ASN A 20 -12.64 -25.98 -7.94
N TYR A 21 -13.38 -26.90 -7.32
CA TYR A 21 -12.78 -28.08 -6.69
C TYR A 21 -12.29 -29.09 -7.72
N MET A 22 -13.20 -29.62 -8.53
CA MET A 22 -12.83 -30.67 -9.49
C MET A 22 -11.90 -30.16 -10.60
N GLY A 23 -11.97 -28.85 -10.88
CA GLY A 23 -10.98 -28.20 -11.72
C GLY A 23 -9.65 -28.04 -11.00
N ALA A 24 -9.36 -26.79 -10.62
CA ALA A 24 -8.03 -26.40 -10.17
C ALA A 24 -7.62 -27.01 -8.83
N LEU A 25 -8.50 -26.93 -7.82
CA LEU A 25 -8.10 -27.30 -6.45
C LEU A 25 -7.71 -28.77 -6.30
N ARG A 26 -8.50 -29.68 -6.87
CA ARG A 26 -8.20 -31.11 -6.79
C ARG A 26 -6.87 -31.42 -7.51
N GLN A 27 -6.66 -30.80 -8.68
CA GLN A 27 -5.38 -30.85 -9.41
C GLN A 27 -4.21 -30.48 -8.49
N TRP A 28 -4.34 -29.36 -7.81
CA TRP A 28 -3.26 -28.81 -6.96
C TRP A 28 -3.06 -29.53 -5.64
N VAL A 29 -4.14 -30.03 -5.04
CA VAL A 29 -4.02 -30.87 -3.85
C VAL A 29 -3.09 -32.06 -4.12
N ASN A 30 -3.16 -32.62 -5.33
CA ASN A 30 -2.31 -33.76 -5.73
C ASN A 30 -0.88 -33.40 -6.20
N MET A 31 -0.49 -32.11 -6.15
CA MET A 31 0.86 -31.68 -6.54
C MET A 31 1.63 -30.96 -5.42
N GLN A 32 1.27 -31.21 -4.17
CA GLN A 32 1.90 -30.53 -3.02
C GLN A 32 3.33 -31.01 -2.72
N ASP A 33 3.68 -32.21 -3.15
CA ASP A 33 5.05 -32.72 -3.05
C ASP A 33 5.91 -32.38 -4.27
N ASP A 34 5.26 -32.04 -5.38
CA ASP A 34 5.95 -31.66 -6.62
C ASP A 34 6.47 -30.23 -6.59
N TYR A 35 5.71 -29.35 -5.93
CA TYR A 35 6.03 -27.93 -5.84
C TYR A 35 5.98 -27.44 -4.39
N HIS A 36 6.59 -26.29 -4.16
CA HIS A 36 6.45 -25.57 -2.90
C HIS A 36 5.26 -24.62 -3.08
N CYS A 37 4.07 -25.09 -2.70
CA CYS A 37 2.85 -24.35 -2.96
C CYS A 37 2.55 -23.39 -1.82
N ILE A 38 2.20 -22.15 -2.17
CA ILE A 38 1.82 -21.12 -1.21
C ILE A 38 0.38 -20.72 -1.51
N TYR A 39 -0.43 -20.68 -0.45
CA TYR A 39 -1.83 -20.26 -0.53
C TYR A 39 -2.03 -19.08 0.42
N CYS A 40 -2.31 -17.92 -0.15
CA CYS A 40 -2.44 -16.68 0.61
C CYS A 40 -3.91 -16.28 0.60
N ILE A 41 -4.55 -16.27 1.77
CA ILE A 41 -5.95 -15.84 1.90
C ILE A 41 -5.93 -14.32 1.91
N VAL A 42 -6.38 -13.71 0.81
CA VAL A 42 -6.10 -12.30 0.53
C VAL A 42 -7.12 -11.32 1.12
N ASP A 43 -7.13 -11.22 2.45
CA ASP A 43 -8.05 -10.31 3.13
C ASP A 43 -7.77 -8.83 2.84
N GLN A 44 -6.51 -8.46 2.57
CA GLN A 44 -6.20 -7.08 2.19
C GLN A 44 -6.71 -6.72 0.80
N HIS A 45 -6.83 -7.69 -0.09
CA HIS A 45 -7.51 -7.48 -1.38
C HIS A 45 -9.03 -7.40 -1.21
N ALA A 46 -9.58 -8.20 -0.30
CA ALA A 46 -11.03 -8.24 -0.07
C ALA A 46 -11.62 -6.86 0.25
N ILE A 47 -10.89 -6.07 1.05
CA ILE A 47 -11.37 -4.76 1.50
C ILE A 47 -11.43 -3.65 0.44
N THR A 48 -10.96 -3.91 -0.79
CA THR A 48 -11.18 -3.01 -1.93
C THR A 48 -12.68 -2.88 -2.28
N VAL A 49 -13.47 -3.86 -1.86
CA VAL A 49 -14.93 -3.82 -1.90
C VAL A 49 -15.43 -3.69 -0.46
N ARG A 50 -16.16 -2.61 -0.19
CA ARG A 50 -16.73 -2.37 1.13
C ARG A 50 -17.66 -3.50 1.51
N GLN A 51 -17.52 -4.00 2.72
CA GLN A 51 -18.31 -5.14 3.20
C GLN A 51 -18.36 -5.19 4.72
N ASP A 52 -19.32 -5.96 5.23
CA ASP A 52 -19.49 -6.12 6.67
C ASP A 52 -18.26 -6.77 7.30
N ALA A 53 -17.79 -6.16 8.38
CA ALA A 53 -16.55 -6.59 9.06
C ALA A 53 -16.64 -8.01 9.61
N GLN A 54 -17.73 -8.31 10.31
CA GLN A 54 -17.90 -9.63 10.93
C GLN A 54 -18.05 -10.76 9.89
N LYS A 55 -18.68 -10.46 8.76
CA LYS A 55 -18.75 -11.41 7.64
C LYS A 55 -17.40 -11.68 7.00
N LEU A 56 -16.54 -10.66 6.93
CA LEU A 56 -15.17 -10.82 6.39
C LEU A 56 -14.31 -11.72 7.29
N ARG A 57 -14.37 -11.50 8.60
CA ARG A 57 -13.66 -12.35 9.56
C ARG A 57 -14.12 -13.79 9.43
N LYS A 58 -15.44 -13.97 9.40
CA LYS A 58 -16.05 -15.29 9.22
C LYS A 58 -15.61 -15.94 7.89
N ALA A 59 -15.65 -15.17 6.81
CA ALA A 59 -15.32 -15.67 5.46
C ALA A 59 -13.86 -16.09 5.33
N THR A 60 -12.96 -15.39 6.03
CA THR A 60 -11.53 -15.74 6.08
C THR A 60 -11.34 -17.14 6.67
N LEU A 61 -12.03 -17.40 7.79
CA LEU A 61 -11.96 -18.68 8.47
C LEU A 61 -12.69 -19.77 7.67
N ASP A 62 -13.80 -19.41 7.03
CA ASP A 62 -14.54 -20.34 6.15
C ASP A 62 -13.64 -20.83 5.01
N THR A 63 -12.97 -19.88 4.35
CA THR A 63 -12.06 -20.18 3.26
C THR A 63 -10.89 -21.05 3.71
N LEU A 64 -10.29 -20.72 4.86
CA LEU A 64 -9.21 -21.51 5.42
C LEU A 64 -9.61 -22.97 5.64
N ALA A 65 -10.73 -23.17 6.33
CA ALA A 65 -11.22 -24.51 6.63
C ALA A 65 -11.56 -25.31 5.36
N LEU A 66 -12.07 -24.62 4.35
CA LEU A 66 -12.46 -25.27 3.09
C LEU A 66 -11.23 -25.73 2.28
N TYR A 67 -10.20 -24.89 2.22
CA TYR A 67 -8.92 -25.28 1.60
C TYR A 67 -8.28 -26.47 2.31
N LEU A 68 -8.33 -26.47 3.65
CA LEU A 68 -7.89 -27.63 4.43
C LEU A 68 -8.77 -28.85 4.14
N ALA A 69 -10.09 -28.65 4.09
CA ALA A 69 -11.05 -29.73 3.78
C ALA A 69 -10.81 -30.35 2.41
N CYS A 70 -10.53 -29.51 1.42
CA CYS A 70 -10.23 -29.98 0.06
C CYS A 70 -8.93 -30.79 -0.05
N GLY A 71 -8.03 -30.62 0.92
CA GLY A 71 -6.82 -31.43 1.03
C GLY A 71 -5.51 -30.69 1.08
N ILE A 72 -5.54 -29.36 1.15
CA ILE A 72 -4.32 -28.58 1.34
C ILE A 72 -3.77 -28.93 2.71
N ASP A 73 -2.53 -29.40 2.72
CA ASP A 73 -1.85 -29.92 3.87
C ASP A 73 -0.93 -28.82 4.36
N PRO A 74 -1.20 -28.26 5.56
CA PRO A 74 -0.34 -27.17 6.07
C PRO A 74 1.09 -27.57 6.45
N GLU A 75 1.38 -28.87 6.53
CA GLU A 75 2.74 -29.38 6.73
C GLU A 75 3.52 -29.50 5.40
N LYS A 76 2.81 -29.64 4.28
CA LYS A 76 3.44 -29.66 2.95
C LYS A 76 3.44 -28.27 2.32
N SER A 77 2.26 -27.65 2.26
CA SER A 77 2.09 -26.32 1.67
C SER A 77 2.09 -25.24 2.76
N THR A 78 2.35 -24.00 2.34
CA THR A 78 2.26 -22.83 3.22
C THR A 78 0.90 -22.17 2.97
N ILE A 79 0.04 -22.14 4.00
CA ILE A 79 -1.27 -21.48 3.92
C ILE A 79 -1.37 -20.48 5.07
N PHE A 80 -1.73 -19.24 4.74
CA PHE A 80 -1.74 -18.14 5.70
C PHE A 80 -2.67 -17.02 5.25
N VAL A 81 -2.91 -16.09 6.17
CA VAL A 81 -3.75 -14.93 5.94
C VAL A 81 -2.84 -13.75 5.59
N GLN A 82 -3.12 -13.11 4.46
CA GLN A 82 -2.29 -12.03 3.90
C GLN A 82 -1.93 -10.94 4.92
N SER A 83 -2.94 -10.47 5.66
CA SER A 83 -2.74 -9.40 6.63
C SER A 83 -1.81 -9.76 7.80
N HIS A 84 -1.59 -11.06 8.02
CA HIS A 84 -0.68 -11.53 9.06
C HIS A 84 0.80 -11.37 8.72
N VAL A 85 1.11 -11.03 7.47
CA VAL A 85 2.48 -10.88 6.99
C VAL A 85 2.65 -9.44 6.50
N PRO A 86 3.22 -8.56 7.34
CA PRO A 86 3.36 -7.12 7.01
C PRO A 86 4.13 -6.85 5.71
N GLU A 87 5.03 -7.75 5.35
CA GLU A 87 5.86 -7.60 4.17
C GLU A 87 5.08 -7.38 2.86
N HIS A 88 3.84 -7.90 2.79
CA HIS A 88 2.98 -7.68 1.62
C HIS A 88 2.71 -6.20 1.38
N ALA A 89 2.21 -5.53 2.42
CA ALA A 89 1.97 -4.08 2.36
C ALA A 89 3.26 -3.28 2.14
N GLN A 90 4.33 -3.70 2.81
CA GLN A 90 5.64 -3.03 2.68
C GLN A 90 6.18 -3.07 1.25
N LEU A 91 6.20 -4.26 0.65
CA LEU A 91 6.64 -4.39 -0.74
C LEU A 91 5.66 -3.72 -1.69
N GLY A 92 4.36 -3.81 -1.39
CA GLY A 92 3.32 -3.11 -2.14
C GLY A 92 3.64 -1.63 -2.29
N TRP A 93 4.00 -0.97 -1.19
CA TRP A 93 4.36 0.44 -1.27
C TRP A 93 5.62 0.66 -2.12
N ALA A 94 6.66 -0.11 -1.84
CA ALA A 94 7.91 0.02 -2.58
C ALA A 94 7.68 -0.13 -4.09
N LEU A 95 6.94 -1.16 -4.50
CA LEU A 95 6.67 -1.41 -5.92
C LEU A 95 5.75 -0.35 -6.57
N ASN A 96 4.90 0.30 -5.79
CA ASN A 96 4.17 1.48 -6.28
C ASN A 96 5.10 2.50 -6.92
N CYS A 97 6.27 2.69 -6.30
CA CYS A 97 7.24 3.66 -6.77
C CYS A 97 8.01 3.24 -8.04
N TYR A 98 7.82 2.00 -8.50
CA TYR A 98 8.38 1.49 -9.74
C TYR A 98 7.30 1.02 -10.73
N THR A 99 6.06 1.45 -10.48
CA THR A 99 4.93 1.12 -11.34
C THR A 99 4.43 2.43 -11.93
N TYR A 100 4.27 2.48 -13.24
CA TYR A 100 3.72 3.66 -13.89
C TYR A 100 2.23 3.82 -13.56
N PHE A 101 1.83 5.04 -13.26
CA PHE A 101 0.41 5.38 -13.10
C PHE A 101 -0.38 4.90 -14.33
N GLY A 102 0.18 5.15 -15.51
CA GLY A 102 -0.37 4.69 -16.79
C GLY A 102 -0.70 3.20 -16.87
N GLU A 103 0.19 2.37 -16.33
CA GLU A 103 -0.02 0.92 -16.29
C GLU A 103 -1.28 0.53 -15.52
N LEU A 104 -1.53 1.21 -14.39
CA LEU A 104 -2.75 0.97 -13.60
C LEU A 104 -4.02 1.49 -14.28
N SER A 105 -3.96 2.68 -14.86
CA SER A 105 -5.10 3.24 -15.60
C SER A 105 -5.45 2.41 -16.84
N ARG A 106 -4.43 1.82 -17.47
CA ARG A 106 -4.60 0.97 -18.66
C ARG A 106 -5.08 -0.47 -18.38
N MET A 107 -5.31 -0.82 -17.11
CA MET A 107 -5.90 -2.13 -16.78
C MET A 107 -7.34 -2.19 -17.31
N THR A 108 -7.72 -3.36 -17.84
CA THR A 108 -9.00 -3.53 -18.55
C THR A 108 -10.14 -3.83 -17.59
N ALA A 118 -15.47 6.84 -12.17
CA ALA A 118 -14.04 7.12 -12.32
C ALA A 118 -13.46 7.75 -11.04
N GLU A 119 -13.97 8.93 -10.69
CA GLU A 119 -13.52 9.67 -9.51
C GLU A 119 -14.03 9.08 -8.19
N ASN A 120 -15.13 8.32 -8.25
CA ASN A 120 -15.74 7.68 -7.08
C ASN A 120 -15.23 6.25 -6.77
N ILE A 121 -14.29 5.74 -7.57
CA ILE A 121 -13.63 4.46 -7.31
C ILE A 121 -12.64 4.70 -6.16
N ASN A 122 -12.52 3.73 -5.23
CA ASN A 122 -11.54 3.88 -4.15
C ASN A 122 -10.12 3.54 -4.65
N ALA A 123 -9.12 4.11 -3.98
CA ALA A 123 -7.73 3.96 -4.42
C ALA A 123 -7.21 2.52 -4.35
N GLY A 124 -7.82 1.71 -3.47
CA GLY A 124 -7.48 0.29 -3.38
C GLY A 124 -7.83 -0.46 -4.65
N LEU A 125 -9.03 -0.23 -5.18
CA LEU A 125 -9.43 -0.86 -6.45
C LEU A 125 -8.52 -0.42 -7.61
N PHE A 126 -8.01 0.81 -7.56
CA PHE A 126 -7.05 1.27 -8.55
C PHE A 126 -5.67 0.64 -8.36
N ASP A 127 -5.21 0.55 -7.12
CA ASP A 127 -3.82 0.17 -6.78
C ASP A 127 -3.58 -1.32 -6.50
N TYR A 128 -4.63 -2.14 -6.39
CA TYR A 128 -4.45 -3.55 -6.01
C TYR A 128 -3.58 -4.40 -6.95
N PRO A 129 -3.47 -4.04 -8.26
CA PRO A 129 -2.54 -4.85 -9.05
C PRO A 129 -1.09 -4.80 -8.58
N VAL A 130 -0.68 -3.68 -7.96
CA VAL A 130 0.67 -3.56 -7.39
C VAL A 130 0.80 -4.43 -6.15
N LEU A 131 -0.22 -4.46 -5.30
CA LEU A 131 -0.24 -5.37 -4.17
C LEU A 131 -0.17 -6.83 -4.62
N MET A 132 -0.90 -7.18 -5.69
N MET A 132 -0.89 -7.18 -5.69
CA MET A 132 -0.83 -8.52 -6.28
CA MET A 132 -0.81 -8.52 -6.25
C MET A 132 0.59 -8.87 -6.73
C MET A 132 0.59 -8.88 -6.73
N ALA A 133 1.26 -7.91 -7.36
CA ALA A 133 2.66 -8.07 -7.76
C ALA A 133 3.55 -8.32 -6.54
N ALA A 134 3.34 -7.53 -5.49
CA ALA A 134 4.08 -7.73 -4.24
C ALA A 134 3.82 -9.12 -3.65
N ASP A 135 2.55 -9.53 -3.62
CA ASP A 135 2.15 -10.86 -3.09
C ASP A 135 2.98 -11.97 -3.73
N ILE A 136 3.11 -11.92 -5.06
CA ILE A 136 3.84 -12.93 -5.83
C ILE A 136 5.35 -12.82 -5.65
N LEU A 137 5.88 -11.62 -5.87
CA LEU A 137 7.33 -11.41 -5.92
C LEU A 137 8.04 -11.61 -4.58
N LEU A 138 7.31 -11.41 -3.48
CA LEU A 138 7.85 -11.69 -2.12
C LEU A 138 8.45 -13.09 -1.95
N TYR A 139 7.84 -14.10 -2.57
CA TYR A 139 8.22 -15.49 -2.31
C TYR A 139 9.11 -16.13 -3.38
N GLN A 140 9.74 -15.30 -4.21
CA GLN A 140 10.60 -15.79 -5.30
C GLN A 140 9.82 -16.81 -6.15
N THR A 141 8.57 -16.44 -6.42
CA THR A 141 7.61 -17.33 -7.06
C THR A 141 8.03 -17.61 -8.50
N ASN A 142 8.00 -18.89 -8.85
CA ASN A 142 8.28 -19.35 -10.21
C ASN A 142 7.01 -19.44 -11.04
N LEU A 143 5.93 -19.94 -10.44
CA LEU A 143 4.69 -20.26 -11.16
C LEU A 143 3.46 -19.66 -10.50
N VAL A 144 2.56 -19.12 -11.30
CA VAL A 144 1.30 -18.55 -10.80
C VAL A 144 0.14 -19.10 -11.62
N PRO A 145 -0.73 -19.92 -11.00
CA PRO A 145 -1.94 -20.31 -11.72
C PRO A 145 -2.91 -19.13 -11.77
N VAL A 146 -3.15 -18.62 -12.97
CA VAL A 146 -4.10 -17.52 -13.18
C VAL A 146 -5.22 -17.93 -14.13
N GLY A 147 -6.42 -17.41 -13.87
CA GLY A 147 -7.50 -17.44 -14.86
C GLY A 147 -7.30 -16.31 -15.85
N GLU A 148 -8.11 -16.31 -16.91
CA GLU A 148 -8.03 -15.28 -17.98
C GLU A 148 -8.14 -13.86 -17.44
N ASP A 149 -9.08 -13.66 -16.50
CA ASP A 149 -9.33 -12.36 -15.86
C ASP A 149 -8.12 -11.70 -15.17
N GLN A 150 -7.13 -12.49 -14.74
CA GLN A 150 -5.92 -11.97 -14.09
C GLN A 150 -4.61 -12.23 -14.86
N LYS A 151 -4.71 -12.46 -16.17
CA LYS A 151 -3.52 -12.56 -17.03
C LYS A 151 -2.81 -11.20 -17.16
N GLN A 152 -3.58 -10.12 -17.31
CA GLN A 152 -3.03 -8.75 -17.30
C GLN A 152 -2.24 -8.44 -16.02
N HIS A 153 -2.76 -8.91 -14.88
CA HIS A 153 -2.16 -8.64 -13.58
C HIS A 153 -0.82 -9.37 -13.44
N LEU A 154 -0.78 -10.63 -13.89
CA LEU A 154 0.46 -11.38 -13.93
C LEU A 154 1.52 -10.70 -14.81
N GLU A 155 1.10 -10.22 -15.99
CA GLU A 155 2.01 -9.53 -16.90
C GLU A 155 2.60 -8.26 -16.28
N LEU A 156 1.79 -7.51 -15.54
CA LEU A 156 2.29 -6.35 -14.79
C LEU A 156 3.34 -6.77 -13.75
N SER A 157 3.09 -7.86 -13.03
CA SER A 157 4.04 -8.36 -12.03
C SER A 157 5.36 -8.76 -12.68
N ARG A 158 5.30 -9.37 -13.85
CA ARG A 158 6.49 -9.70 -14.63
C ARG A 158 7.22 -8.44 -15.11
N ASP A 159 6.47 -7.46 -15.59
CA ASP A 159 7.04 -6.17 -16.01
C ASP A 159 7.73 -5.44 -14.85
N ILE A 160 7.07 -5.40 -13.70
CA ILE A 160 7.65 -4.77 -12.49
C ILE A 160 8.93 -5.49 -12.07
N ALA A 161 8.89 -6.81 -12.02
CA ALA A 161 10.06 -7.62 -11.65
C ALA A 161 11.27 -7.36 -12.55
N GLN A 162 11.05 -7.36 -13.86
CA GLN A 162 12.13 -7.13 -14.82
C GLN A 162 12.69 -5.71 -14.74
N ARG A 163 11.80 -4.73 -14.58
CA ARG A 163 12.19 -3.33 -14.42
C ARG A 163 13.06 -3.10 -13.18
N PHE A 164 12.63 -3.66 -12.05
CA PHE A 164 13.39 -3.56 -10.79
C PHE A 164 14.72 -4.30 -10.92
N ASN A 165 14.68 -5.50 -11.48
CA ASN A 165 15.91 -6.29 -11.67
C ASN A 165 16.92 -5.60 -12.60
N ALA A 166 16.42 -4.95 -13.64
CA ALA A 166 17.27 -4.18 -14.57
C ALA A 166 18.02 -3.03 -13.87
N LEU A 167 17.37 -2.39 -12.91
CA LEU A 167 18.00 -1.33 -12.11
C LEU A 167 18.97 -1.86 -11.05
N TYR A 168 18.58 -2.93 -10.35
CA TYR A 168 19.24 -3.31 -9.09
C TYR A 168 19.93 -4.67 -9.03
N GLY A 169 19.80 -5.49 -10.09
CA GLY A 169 20.31 -6.86 -10.07
C GLY A 169 19.19 -7.86 -9.85
N GLU A 170 19.52 -9.15 -9.82
CA GLU A 170 18.50 -10.20 -9.82
C GLU A 170 17.89 -10.42 -8.42
N ILE A 171 17.04 -9.48 -8.03
CA ILE A 171 16.39 -9.46 -6.72
C ILE A 171 15.16 -10.36 -6.73
N PHE A 172 14.36 -10.25 -7.79
CA PHE A 172 13.14 -11.03 -7.96
C PHE A 172 13.28 -12.12 -9.01
N LYS A 173 12.58 -13.23 -8.81
CA LYS A 173 12.33 -14.18 -9.89
C LYS A 173 11.26 -13.57 -10.77
N VAL A 174 11.38 -13.75 -12.08
CA VAL A 174 10.31 -13.38 -13.00
C VAL A 174 9.32 -14.55 -13.04
N PRO A 175 8.09 -14.36 -12.52
CA PRO A 175 7.16 -15.50 -12.45
C PRO A 175 6.55 -15.84 -13.81
N GLU A 176 6.15 -17.10 -13.97
CA GLU A 176 5.51 -17.58 -15.19
C GLU A 176 4.10 -18.04 -14.87
N PRO A 177 3.19 -17.97 -15.86
CA PRO A 177 1.89 -18.59 -15.64
C PRO A 177 2.02 -20.11 -15.60
N PHE A 178 1.22 -20.76 -14.76
CA PHE A 178 1.10 -22.21 -14.80
C PHE A 178 0.15 -22.54 -15.94
N ILE A 179 0.70 -23.10 -17.02
CA ILE A 179 -0.05 -23.23 -18.27
C ILE A 179 -1.06 -24.38 -18.33
N PRO A 180 -0.67 -25.61 -17.90
CA PRO A 180 -1.60 -26.74 -18.05
C PRO A 180 -2.90 -26.60 -17.23
N LYS A 181 -4.03 -26.86 -17.88
CA LYS A 181 -5.34 -26.81 -17.25
C LYS A 181 -5.68 -28.14 -16.57
N SER A 182 -6.63 -28.10 -15.64
CA SER A 182 -7.00 -29.26 -14.82
C SER A 182 -7.50 -30.47 -15.60
N GLY A 183 -8.24 -30.23 -16.68
CA GLY A 183 -8.86 -31.29 -17.47
C GLY A 183 -10.19 -31.77 -16.90
N ALA A 184 -10.84 -30.91 -16.10
CA ALA A 184 -12.19 -31.15 -15.61
C ALA A 184 -13.07 -29.99 -16.07
N ARG A 185 -14.07 -30.29 -16.89
CA ARG A 185 -14.92 -29.29 -17.51
C ARG A 185 -16.26 -29.21 -16.77
N VAL A 186 -16.54 -28.07 -16.15
CA VAL A 186 -17.78 -27.87 -15.38
C VAL A 186 -18.43 -26.56 -15.81
N MET A 187 -19.56 -26.68 -16.52
CA MET A 187 -20.29 -25.54 -17.05
C MET A 187 -21.52 -25.23 -16.21
N SER A 188 -22.06 -24.03 -16.41
CA SER A 188 -23.25 -23.57 -15.69
C SER A 188 -24.46 -24.42 -16.03
N LEU A 189 -25.28 -24.70 -15.03
CA LEU A 189 -26.39 -25.65 -15.18
C LEU A 189 -27.50 -25.13 -16.09
N LEU A 190 -27.83 -23.85 -15.99
CA LEU A 190 -28.86 -23.24 -16.85
C LEU A 190 -28.29 -22.55 -18.11
N GLU A 191 -26.95 -22.44 -18.20
CA GLU A 191 -26.27 -21.85 -19.36
C GLU A 191 -25.00 -22.67 -19.67
N PRO A 192 -25.16 -23.88 -20.23
CA PRO A 192 -24.03 -24.83 -20.39
C PRO A 192 -22.90 -24.39 -21.33
N THR A 193 -23.10 -23.31 -22.10
CA THR A 193 -22.01 -22.70 -22.88
C THR A 193 -21.06 -21.88 -21.98
N LYS A 194 -21.61 -21.31 -20.91
CA LYS A 194 -20.85 -20.54 -19.92
C LYS A 194 -20.25 -21.46 -18.86
N LYS A 195 -18.99 -21.22 -18.48
CA LYS A 195 -18.32 -21.98 -17.43
C LYS A 195 -18.96 -21.71 -16.06
N MET A 196 -18.97 -22.71 -15.18
CA MET A 196 -19.49 -22.54 -13.83
C MET A 196 -18.48 -21.69 -13.06
N SER A 197 -18.95 -20.57 -12.52
CA SER A 197 -18.11 -19.58 -11.86
C SER A 197 -18.69 -19.20 -10.50
N LYS A 198 -17.83 -19.12 -9.48
CA LYS A 198 -18.25 -18.74 -8.12
C LYS A 198 -18.92 -17.36 -8.03
N SER A 199 -18.55 -16.44 -8.94
CA SER A 199 -19.11 -15.08 -8.97
C SER A 199 -20.31 -14.91 -9.91
N ASP A 200 -21.19 -15.92 -9.96
CA ASP A 200 -22.44 -15.84 -10.71
C ASP A 200 -23.54 -15.38 -9.74
N ASP A 201 -24.34 -14.41 -10.18
CA ASP A 201 -25.49 -13.94 -9.40
C ASP A 201 -26.60 -15.00 -9.37
N ASN A 202 -26.82 -15.64 -10.50
CA ASN A 202 -27.73 -16.79 -10.58
C ASN A 202 -27.04 -18.00 -9.96
N ARG A 203 -27.39 -18.28 -8.70
CA ARG A 203 -26.79 -19.41 -7.97
C ARG A 203 -27.40 -20.76 -8.34
N ASN A 204 -28.47 -20.78 -9.13
CA ASN A 204 -28.98 -22.01 -9.74
C ASN A 204 -28.08 -22.52 -10.89
N ASN A 205 -27.19 -21.66 -11.39
CA ASN A 205 -26.14 -22.09 -12.33
C ASN A 205 -25.02 -22.90 -11.69
N VAL A 206 -24.84 -22.78 -10.37
CA VAL A 206 -23.68 -23.38 -9.68
C VAL A 206 -24.11 -24.36 -8.59
N ILE A 207 -23.21 -25.30 -8.27
CA ILE A 207 -23.33 -26.13 -7.07
C ILE A 207 -22.13 -25.80 -6.17
N GLY A 208 -22.41 -25.13 -5.05
CA GLY A 208 -21.40 -24.86 -4.03
C GLY A 208 -21.01 -26.10 -3.24
N LEU A 209 -19.80 -26.07 -2.68
CA LEU A 209 -19.24 -27.23 -1.98
C LEU A 209 -19.95 -27.60 -0.66
N LEU A 210 -20.65 -26.65 -0.05
CA LEU A 210 -21.40 -26.90 1.20
C LEU A 210 -22.90 -27.11 1.00
N GLU A 211 -23.33 -27.39 -0.24
CA GLU A 211 -24.75 -27.66 -0.51
C GLU A 211 -25.13 -29.07 -0.07
N ASP A 212 -26.31 -29.20 0.55
CA ASP A 212 -26.82 -30.50 0.99
C ASP A 212 -27.42 -31.28 -0.19
N PRO A 213 -27.62 -32.61 -0.03
CA PRO A 213 -28.19 -33.44 -1.11
C PRO A 213 -29.53 -32.96 -1.71
N LYS A 214 -30.42 -32.38 -0.91
CA LYS A 214 -31.70 -31.86 -1.42
C LYS A 214 -31.50 -30.68 -2.38
N SER A 215 -30.56 -29.80 -2.05
CA SER A 215 -30.21 -28.66 -2.91
C SER A 215 -29.60 -29.12 -4.25
N VAL A 216 -28.74 -30.14 -4.18
CA VAL A 216 -28.07 -30.69 -5.37
C VAL A 216 -29.09 -31.35 -6.31
N VAL A 217 -29.95 -32.21 -5.75
CA VAL A 217 -31.04 -32.85 -6.53
C VAL A 217 -31.87 -31.78 -7.25
N LYS A 218 -32.28 -30.75 -6.49
CA LYS A 218 -33.10 -29.67 -7.03
C LYS A 218 -32.45 -28.96 -8.22
N LYS A 219 -31.19 -28.56 -8.06
CA LYS A 219 -30.46 -27.81 -9.09
C LYS A 219 -30.13 -28.65 -10.33
N ILE A 220 -29.80 -29.92 -10.11
CA ILE A 220 -29.51 -30.85 -11.22
C ILE A 220 -30.79 -31.18 -12.00
N LYS A 221 -31.93 -31.33 -11.33
CA LYS A 221 -33.20 -31.57 -12.03
C LYS A 221 -33.61 -30.38 -12.92
N ARG A 222 -33.25 -29.17 -12.53
CA ARG A 222 -33.48 -27.98 -13.35
C ARG A 222 -32.46 -27.75 -14.47
N ALA A 223 -31.32 -28.45 -14.44
CA ALA A 223 -30.26 -28.27 -15.42
C ALA A 223 -30.78 -28.51 -16.84
N VAL A 224 -30.44 -27.59 -17.75
CA VAL A 224 -31.01 -27.65 -19.11
C VAL A 224 -30.42 -28.83 -19.86
N THR A 225 -31.23 -29.43 -20.72
CA THR A 225 -30.80 -30.55 -21.53
C THR A 225 -31.09 -30.20 -22.98
N ASP A 226 -31.85 -31.01 -23.70
CA ASP A 226 -32.19 -30.73 -25.09
C ASP A 226 -33.50 -31.44 -25.41
N SER A 227 -34.03 -31.18 -26.61
CA SER A 227 -35.30 -31.76 -27.04
C SER A 227 -35.12 -32.96 -27.99
N ASP A 228 -33.97 -33.63 -27.95
CA ASP A 228 -33.75 -34.82 -28.78
C ASP A 228 -34.83 -35.87 -28.48
N GLU A 229 -35.33 -36.51 -29.54
CA GLU A 229 -36.35 -37.55 -29.43
C GLU A 229 -35.94 -38.75 -30.29
N PRO A 230 -35.73 -39.94 -29.69
CA PRO A 230 -35.74 -40.15 -28.24
C PRO A 230 -34.64 -39.38 -27.53
N PRO A 231 -34.79 -39.12 -26.23
CA PRO A 231 -33.66 -38.57 -25.50
C PRO A 231 -32.49 -39.55 -25.58
N VAL A 232 -31.29 -39.03 -25.80
CA VAL A 232 -30.11 -39.88 -25.92
C VAL A 232 -28.95 -39.24 -25.14
N VAL A 233 -28.34 -40.03 -24.28
CA VAL A 233 -27.22 -39.58 -23.44
C VAL A 233 -25.94 -39.83 -24.25
N ARG A 234 -25.56 -38.83 -25.03
CA ARG A 234 -24.34 -38.85 -25.84
C ARG A 234 -23.63 -37.51 -25.73
N TYR A 235 -22.30 -37.55 -25.80
CA TYR A 235 -21.46 -36.37 -25.64
C TYR A 235 -21.37 -35.58 -26.94
N ASP A 236 -21.80 -34.33 -26.89
CA ASP A 236 -21.82 -33.46 -28.06
C ASP A 236 -21.96 -32.02 -27.57
N VAL A 237 -20.84 -31.33 -27.42
CA VAL A 237 -20.83 -29.98 -26.82
C VAL A 237 -21.61 -28.98 -27.67
N GLN A 238 -21.50 -29.11 -28.99
CA GLN A 238 -22.18 -28.21 -29.93
C GLN A 238 -23.71 -28.35 -29.89
N ASN A 239 -24.18 -29.57 -30.06
CA ASN A 239 -25.62 -29.86 -30.21
C ASN A 239 -26.33 -30.25 -28.91
N LYS A 240 -25.58 -30.74 -27.92
CA LYS A 240 -26.14 -31.24 -26.66
C LYS A 240 -25.30 -30.72 -25.47
N ALA A 241 -25.21 -29.38 -25.37
CA ALA A 241 -24.37 -28.73 -24.35
C ALA A 241 -24.70 -29.17 -22.91
N GLY A 242 -25.99 -29.19 -22.59
CA GLY A 242 -26.45 -29.53 -21.24
C GLY A 242 -26.20 -30.97 -20.83
N VAL A 243 -26.56 -31.90 -21.71
CA VAL A 243 -26.34 -33.34 -21.47
C VAL A 243 -24.84 -33.64 -21.39
N SER A 244 -24.05 -32.98 -22.23
CA SER A 244 -22.59 -33.12 -22.21
C SER A 244 -21.98 -32.64 -20.91
N ASN A 245 -22.51 -31.54 -20.37
CA ASN A 245 -22.06 -30.99 -19.09
C ASN A 245 -22.34 -31.96 -17.94
N LEU A 246 -23.53 -32.55 -17.93
CA LEU A 246 -23.88 -33.55 -16.92
C LEU A 246 -22.98 -34.79 -17.00
N LEU A 247 -22.65 -35.19 -18.23
CA LEU A 247 -21.68 -36.28 -18.45
C LEU A 247 -20.27 -35.94 -17.95
N ASP A 248 -19.81 -34.73 -18.27
CA ASP A 248 -18.50 -34.24 -17.81
C ASP A 248 -18.41 -34.15 -16.29
N ILE A 249 -19.46 -33.61 -15.66
CA ILE A 249 -19.55 -33.54 -14.20
C ILE A 249 -19.46 -34.95 -13.62
N LEU A 250 -20.25 -35.89 -14.16
CA LEU A 250 -20.27 -37.27 -13.67
C LEU A 250 -18.92 -37.96 -13.83
N SER A 251 -18.31 -37.79 -15.00
CA SER A 251 -16.97 -38.32 -15.27
C SER A 251 -15.92 -37.78 -14.28
N ALA A 252 -15.98 -36.48 -14.03
CA ALA A 252 -15.06 -35.80 -13.11
C ALA A 252 -15.18 -36.32 -11.68
N VAL A 253 -16.40 -36.63 -11.25
CA VAL A 253 -16.63 -37.19 -9.92
C VAL A 253 -16.13 -38.63 -9.81
N THR A 254 -16.57 -39.49 -10.74
CA THR A 254 -16.39 -40.93 -10.60
C THR A 254 -15.11 -41.50 -11.20
N GLY A 255 -14.52 -40.78 -12.16
CA GLY A 255 -13.38 -41.29 -12.92
C GLY A 255 -13.73 -42.22 -14.07
N GLN A 256 -15.02 -42.36 -14.37
CA GLN A 256 -15.47 -43.16 -15.52
C GLN A 256 -15.33 -42.33 -16.77
N SER A 257 -14.90 -42.96 -17.88
CA SER A 257 -14.71 -42.25 -19.14
C SER A 257 -16.06 -41.87 -19.76
N ILE A 258 -16.04 -40.89 -20.66
CA ILE A 258 -17.24 -40.48 -21.38
C ILE A 258 -17.83 -41.65 -22.18
N PRO A 259 -17.00 -42.36 -22.98
CA PRO A 259 -17.52 -43.56 -23.68
C PRO A 259 -18.10 -44.64 -22.75
N GLU A 260 -17.53 -44.81 -21.57
CA GLU A 260 -18.07 -45.76 -20.57
C GLU A 260 -19.46 -45.32 -20.08
N LEU A 261 -19.61 -44.04 -19.80
CA LEU A 261 -20.91 -43.49 -19.37
C LEU A 261 -21.95 -43.51 -20.48
N GLU A 262 -21.55 -43.19 -21.70
CA GLU A 262 -22.45 -43.28 -22.87
C GLU A 262 -23.00 -44.69 -23.04
N LYS A 263 -22.14 -45.69 -22.87
CA LYS A 263 -22.57 -47.09 -22.86
C LYS A 263 -23.47 -47.42 -21.67
N GLN A 264 -23.13 -46.89 -20.49
CA GLN A 264 -23.92 -47.08 -19.27
C GLN A 264 -25.35 -46.51 -19.36
N PHE A 265 -25.52 -45.39 -20.05
CA PHE A 265 -26.83 -44.74 -20.19
C PHE A 265 -27.53 -45.03 -21.53
N GLU A 266 -27.17 -46.15 -22.16
CA GLU A 266 -27.77 -46.56 -23.44
C GLU A 266 -29.22 -46.96 -23.19
N GLY A 267 -30.14 -46.37 -23.95
CA GLY A 267 -31.57 -46.56 -23.77
C GLY A 267 -32.17 -45.87 -22.53
N LYS A 268 -31.41 -44.95 -21.93
CA LYS A 268 -31.83 -44.26 -20.71
C LYS A 268 -32.17 -42.79 -21.03
N MET A 269 -33.15 -42.28 -20.29
CA MET A 269 -33.58 -40.89 -20.35
C MET A 269 -32.72 -39.96 -19.48
N TYR A 270 -32.95 -38.66 -19.63
CA TYR A 270 -32.15 -37.65 -18.91
C TYR A 270 -32.43 -37.61 -17.40
N GLY A 271 -33.63 -38.04 -16.99
CA GLY A 271 -33.95 -38.25 -15.57
C GLY A 271 -33.02 -39.21 -14.85
N HIS A 272 -32.62 -40.28 -15.53
CA HIS A 272 -31.69 -41.27 -14.95
C HIS A 272 -30.30 -40.66 -14.82
N LEU A 273 -29.84 -40.00 -15.88
CA LEU A 273 -28.57 -39.29 -15.86
C LEU A 273 -28.51 -38.31 -14.69
N LYS A 274 -29.52 -37.46 -14.59
CA LYS A 274 -29.62 -36.44 -13.54
C LYS A 274 -29.61 -37.05 -12.15
N GLY A 275 -30.35 -38.14 -11.97
CA GLY A 275 -30.36 -38.89 -10.71
C GLY A 275 -28.98 -39.35 -10.29
N GLU A 276 -28.23 -39.92 -11.24
CA GLU A 276 -26.87 -40.41 -10.98
C GLU A 276 -25.86 -39.27 -10.74
N VAL A 277 -26.00 -38.16 -11.46
CA VAL A 277 -25.12 -37.00 -11.28
C VAL A 277 -25.27 -36.43 -9.86
N ALA A 278 -26.52 -36.19 -9.44
CA ALA A 278 -26.81 -35.68 -8.09
C ALA A 278 -26.26 -36.60 -7.00
N ASP A 279 -26.50 -37.90 -7.16
CA ASP A 279 -25.97 -38.92 -6.24
C ASP A 279 -24.45 -38.89 -6.18
N ALA A 280 -23.82 -38.83 -7.35
CA ALA A 280 -22.36 -38.81 -7.44
C ALA A 280 -21.77 -37.56 -6.79
N VAL A 281 -22.29 -36.39 -7.18
CA VAL A 281 -21.84 -35.10 -6.65
C VAL A 281 -22.00 -35.05 -5.13
N SER A 282 -23.19 -35.39 -4.63
CA SER A 282 -23.44 -35.36 -3.17
C SER A 282 -22.58 -36.37 -2.39
N GLY A 283 -22.31 -37.53 -2.99
CA GLY A 283 -21.36 -38.50 -2.44
C GLY A 283 -19.97 -37.92 -2.28
N MET A 284 -19.53 -37.14 -3.26
CA MET A 284 -18.25 -36.42 -3.20
C MET A 284 -18.27 -35.30 -2.15
N LEU A 285 -19.35 -34.52 -2.11
CA LEU A 285 -19.45 -33.39 -1.17
C LEU A 285 -19.62 -33.79 0.30
N THR A 286 -20.13 -35.00 0.56
CA THR A 286 -20.35 -35.49 1.92
C THR A 286 -19.04 -35.62 2.71
N GLU A 287 -18.05 -36.29 2.11
CA GLU A 287 -16.70 -36.40 2.72
C GLU A 287 -16.02 -35.04 2.87
N LEU A 288 -16.22 -34.17 1.88
CA LEU A 288 -15.67 -32.82 1.90
C LEU A 288 -16.28 -31.98 3.03
N GLN A 289 -17.60 -32.03 3.14
CA GLN A 289 -18.34 -31.31 4.18
C GLN A 289 -18.03 -31.82 5.59
N GLU A 290 -17.88 -33.15 5.74
CA GLU A 290 -17.47 -33.76 7.02
C GLU A 290 -16.14 -33.17 7.53
N ARG A 291 -15.14 -33.14 6.64
CA ARG A 291 -13.84 -32.55 6.95
C ARG A 291 -13.94 -31.04 7.21
N TYR A 292 -14.72 -30.34 6.39
CA TYR A 292 -14.91 -28.89 6.53
C TYR A 292 -15.42 -28.48 7.92
N HIS A 293 -16.57 -29.05 8.31
CA HIS A 293 -17.18 -28.70 9.60
C HIS A 293 -16.30 -29.11 10.78
N ARG A 294 -15.60 -30.23 10.65
CA ARG A 294 -14.64 -30.68 11.65
C ARG A 294 -13.50 -29.68 11.87
N PHE A 295 -12.93 -29.18 10.77
CA PHE A 295 -11.88 -28.17 10.83
C PHE A 295 -12.41 -26.80 11.21
N ARG A 296 -13.56 -26.42 10.66
CA ARG A 296 -14.10 -25.08 10.86
C ARG A 296 -14.52 -24.80 12.31
N ASN A 297 -15.02 -25.83 12.99
CA ASN A 297 -15.45 -25.72 14.40
C ASN A 297 -14.30 -25.89 15.41
N ASP A 298 -13.10 -26.21 14.93
CA ASP A 298 -11.91 -26.38 15.77
C ASP A 298 -11.04 -25.11 15.72
N GLU A 299 -11.38 -24.15 16.59
CA GLU A 299 -10.67 -22.86 16.68
C GLU A 299 -9.16 -22.99 16.91
N ALA A 300 -8.76 -23.89 17.81
CA ALA A 300 -7.36 -24.11 18.15
C ALA A 300 -6.54 -24.59 16.96
N PHE A 301 -7.11 -25.51 16.19
CA PHE A 301 -6.49 -26.02 14.97
C PHE A 301 -6.28 -24.90 13.95
N LEU A 302 -7.34 -24.15 13.65
CA LEU A 302 -7.26 -23.04 12.68
C LEU A 302 -6.23 -21.98 13.11
N GLN A 303 -6.24 -21.62 14.41
CA GLN A 303 -5.27 -20.69 14.97
C GLN A 303 -3.82 -21.16 14.79
N GLN A 304 -3.57 -22.45 15.02
CA GLN A 304 -2.22 -23.00 14.85
C GLN A 304 -1.80 -23.04 13.38
N VAL A 305 -2.74 -23.41 12.50
CA VAL A 305 -2.47 -23.40 11.06
C VAL A 305 -2.06 -21.99 10.61
N MET A 306 -2.85 -20.98 11.02
CA MET A 306 -2.55 -19.57 10.67
C MET A 306 -1.24 -19.07 11.26
N LYS A 307 -0.96 -19.43 12.50
CA LYS A 307 0.29 -19.02 13.17
C LYS A 307 1.51 -19.62 12.47
N ASP A 308 1.47 -20.93 12.22
CA ASP A 308 2.55 -21.65 11.54
C ASP A 308 2.76 -21.17 10.11
N GLY A 309 1.66 -20.93 9.40
CA GLY A 309 1.71 -20.45 8.03
C GLY A 309 2.33 -19.07 7.89
N ALA A 310 1.87 -18.15 8.74
CA ALA A 310 2.42 -16.79 8.77
C ALA A 310 3.90 -16.77 9.13
N GLU A 311 4.32 -17.67 10.02
CA GLU A 311 5.73 -17.79 10.42
C GLU A 311 6.61 -18.25 9.25
N LYS A 312 6.15 -19.27 8.51
CA LYS A 312 6.83 -19.75 7.31
C LYS A 312 6.93 -18.66 6.23
N ALA A 313 5.77 -18.05 5.94
CA ALA A 313 5.68 -16.98 4.96
C ALA A 313 6.59 -15.80 5.30
N SER A 314 6.50 -15.33 6.54
CA SER A 314 7.29 -14.19 7.02
C SER A 314 8.80 -14.42 6.89
N ALA A 315 9.25 -15.62 7.24
CA ALA A 315 10.68 -15.97 7.12
C ALA A 315 11.18 -15.81 5.68
N HIS A 316 10.37 -16.23 4.71
CA HIS A 316 10.73 -16.10 3.29
C HIS A 316 10.54 -14.66 2.79
N ALA A 317 9.39 -14.08 3.08
CA ALA A 317 9.06 -12.70 2.67
C ALA A 317 10.07 -11.69 3.19
N SER A 318 10.48 -11.83 4.46
CA SER A 318 11.47 -10.92 5.07
C SER A 318 12.81 -10.93 4.34
N ARG A 319 13.24 -12.10 3.87
CA ARG A 319 14.48 -12.21 3.11
C ARG A 319 14.42 -11.40 1.81
N THR A 320 13.31 -11.53 1.07
CA THR A 320 13.11 -10.77 -0.15
C THR A 320 13.03 -9.27 0.14
N LEU A 321 12.23 -8.89 1.13
CA LEU A 321 12.06 -7.47 1.46
C LEU A 321 13.38 -6.82 1.88
N LYS A 322 14.22 -7.56 2.62
CA LYS A 322 15.53 -7.03 3.03
C LYS A 322 16.39 -6.72 1.80
N ALA A 323 16.41 -7.63 0.82
CA ALA A 323 17.12 -7.40 -0.45
C ALA A 323 16.57 -6.21 -1.24
N VAL A 324 15.24 -6.08 -1.27
CA VAL A 324 14.58 -4.94 -1.93
C VAL A 324 15.01 -3.63 -1.25
N TYR A 325 14.89 -3.59 0.08
CA TYR A 325 15.24 -2.40 0.87
C TYR A 325 16.70 -2.01 0.74
N GLU A 326 17.59 -3.00 0.75
CA GLU A 326 19.02 -2.77 0.54
C GLU A 326 19.31 -2.18 -0.85
N ALA A 327 18.64 -2.73 -1.87
CA ALA A 327 18.79 -2.26 -3.25
C ALA A 327 18.31 -0.81 -3.44
N ILE A 328 17.15 -0.50 -2.85
CA ILE A 328 16.59 0.86 -2.88
C ILE A 328 17.52 1.85 -2.16
N GLY A 329 18.14 1.39 -1.07
CA GLY A 329 19.07 2.20 -0.29
C GLY A 329 18.58 2.64 1.07
N PHE A 330 17.42 2.13 1.53
CA PHE A 330 16.90 2.48 2.85
C PHE A 330 17.90 2.09 3.95
N VAL A 331 18.00 2.92 4.96
CA VAL A 331 18.80 2.60 6.15
C VAL A 331 18.13 1.40 6.83
N ALA A 332 18.92 0.35 7.07
CA ALA A 332 18.41 -0.89 7.65
C ALA A 332 17.85 -0.65 9.05
N LYS A 333 16.75 -1.31 9.38
CA LYS A 333 16.14 -1.17 10.72
C LYS A 333 17.13 -1.63 11.80
N ARG A 334 17.07 -0.96 12.94
CA ARG A 334 17.88 -1.28 14.12
C ARG A 334 17.01 -2.12 15.06
N HIS A 335 17.31 -3.42 15.15
CA HIS A 335 16.53 -4.33 16.00
C HIS A 335 17.10 -4.38 17.41
N THR B 2 -2.29 12.19 29.71
CA THR B 2 -1.22 12.25 28.66
C THR B 2 -1.37 13.49 27.79
N LYS B 3 -0.25 13.94 27.23
CA LYS B 3 -0.22 15.15 26.41
C LYS B 3 -0.84 14.89 25.03
N PRO B 4 -1.41 15.94 24.40
CA PRO B 4 -1.75 15.79 22.98
C PRO B 4 -0.52 15.43 22.13
N ILE B 5 -0.77 14.78 21.00
CA ILE B 5 0.30 14.22 20.19
C ILE B 5 0.55 15.08 18.96
N VAL B 6 1.83 15.37 18.72
CA VAL B 6 2.31 16.04 17.52
C VAL B 6 3.03 15.02 16.63
N PHE B 7 2.70 15.03 15.34
CA PHE B 7 3.42 14.21 14.35
C PHE B 7 3.78 15.05 13.14
N SER B 8 5.01 14.89 12.65
CA SER B 8 5.38 15.48 11.37
C SER B 8 6.57 14.75 10.76
N GLY B 9 6.75 14.92 9.46
CA GLY B 9 7.80 14.24 8.73
C GLY B 9 8.47 15.13 7.70
N ALA B 10 9.67 14.72 7.28
CA ALA B 10 10.38 15.37 6.17
C ALA B 10 11.11 14.32 5.35
N GLN B 11 11.23 14.57 4.05
CA GLN B 11 11.81 13.61 3.12
C GLN B 11 13.33 13.64 3.12
N PRO B 12 13.99 12.48 3.17
CA PRO B 12 15.44 12.40 2.95
C PRO B 12 15.76 12.36 1.44
N SER B 13 15.46 13.47 0.78
CA SER B 13 15.74 13.66 -0.64
C SER B 13 15.91 15.15 -0.84
N GLY B 14 16.64 15.53 -1.88
CA GLY B 14 17.06 16.92 -2.04
C GLY B 14 17.91 17.35 -0.85
N GLU B 15 17.92 18.65 -0.57
CA GLU B 15 18.70 19.19 0.54
C GLU B 15 17.84 20.22 1.26
N LEU B 16 17.49 19.97 2.52
CA LEU B 16 16.53 20.79 3.24
C LEU B 16 16.96 22.26 3.29
N THR B 17 15.99 23.16 3.14
CA THR B 17 16.23 24.59 3.00
C THR B 17 15.72 25.39 4.21
N ILE B 18 15.97 26.69 4.19
CA ILE B 18 15.39 27.60 5.19
C ILE B 18 13.85 27.60 5.12
N GLY B 19 13.28 27.31 3.95
CA GLY B 19 11.83 27.09 3.81
C GLY B 19 11.34 25.92 4.63
N ASN B 20 11.99 24.76 4.48
CA ASN B 20 11.66 23.57 5.30
C ASN B 20 11.79 23.87 6.80
N TYR B 21 12.80 24.64 7.16
CA TYR B 21 13.05 25.00 8.55
C TYR B 21 11.95 25.91 9.12
N MET B 22 11.66 27.01 8.43
CA MET B 22 10.66 27.97 8.91
C MET B 22 9.24 27.44 8.87
N GLY B 23 8.91 26.69 7.81
CA GLY B 23 7.57 26.13 7.66
C GLY B 23 7.27 24.96 8.59
N ALA B 24 8.30 24.25 9.04
CA ALA B 24 8.13 23.00 9.80
C ALA B 24 9.09 22.85 10.98
N LEU B 25 10.39 22.68 10.69
CA LEU B 25 11.37 22.26 11.72
C LEU B 25 11.44 23.21 12.93
N ARG B 26 11.36 24.52 12.68
CA ARG B 26 11.32 25.51 13.76
C ARG B 26 10.17 25.23 14.74
N GLN B 27 8.99 24.91 14.20
CA GLN B 27 7.82 24.60 15.03
C GLN B 27 8.02 23.29 15.77
N TRP B 28 8.60 22.30 15.08
CA TRP B 28 8.89 20.99 15.68
C TRP B 28 9.70 21.14 16.97
N VAL B 29 10.72 21.97 16.91
CA VAL B 29 11.63 22.18 18.05
C VAL B 29 10.90 22.87 19.19
N ASN B 30 10.13 23.90 18.85
CA ASN B 30 9.40 24.69 19.85
C ASN B 30 8.23 23.96 20.54
N MET B 31 7.71 22.90 19.93
CA MET B 31 6.58 22.13 20.47
C MET B 31 6.94 20.99 21.43
N GLN B 32 8.23 20.70 21.63
CA GLN B 32 8.67 19.46 22.28
C GLN B 32 8.26 19.25 23.75
N ASP B 33 8.20 20.33 24.52
CA ASP B 33 7.76 20.25 25.92
C ASP B 33 6.24 20.33 26.02
N ASP B 34 5.63 21.21 25.21
CA ASP B 34 4.20 21.47 25.28
C ASP B 34 3.32 20.30 24.85
N TYR B 35 3.84 19.46 23.95
CA TYR B 35 3.10 18.32 23.42
C TYR B 35 4.02 17.11 23.35
N HIS B 36 3.42 15.93 23.17
CA HIS B 36 4.15 14.69 22.95
C HIS B 36 4.46 14.61 21.46
N CYS B 37 5.72 14.82 21.09
CA CYS B 37 6.11 14.99 19.69
C CYS B 37 6.80 13.78 19.09
N ILE B 38 6.42 13.48 17.85
CA ILE B 38 6.93 12.35 17.09
C ILE B 38 7.35 12.90 15.72
N TYR B 39 8.63 12.72 15.35
CA TYR B 39 9.15 13.25 14.09
C TYR B 39 9.78 12.15 13.26
N CYS B 40 9.48 12.15 11.98
CA CYS B 40 9.75 11.01 11.10
C CYS B 40 10.59 11.44 9.90
N ILE B 41 11.57 10.62 9.53
CA ILE B 41 12.30 10.79 8.28
C ILE B 41 11.59 9.88 7.27
N VAL B 42 10.86 10.48 6.34
CA VAL B 42 9.93 9.72 5.49
C VAL B 42 10.60 9.19 4.21
N ASP B 43 11.44 8.16 4.40
CA ASP B 43 12.17 7.57 3.27
C ASP B 43 11.26 6.89 2.25
N GLN B 44 10.13 6.33 2.69
CA GLN B 44 9.17 5.71 1.77
C GLN B 44 8.48 6.75 0.87
N HIS B 45 8.22 7.95 1.38
CA HIS B 45 7.76 9.06 0.52
C HIS B 45 8.84 9.59 -0.40
N ALA B 46 10.10 9.61 0.06
CA ALA B 46 11.20 10.16 -0.73
C ALA B 46 11.35 9.47 -2.08
N ILE B 47 11.18 8.15 -2.08
CA ILE B 47 11.36 7.33 -3.29
C ILE B 47 10.22 7.41 -4.34
N THR B 48 9.17 8.20 -4.08
CA THR B 48 8.20 8.57 -5.13
C THR B 48 8.83 9.42 -6.25
N VAL B 49 9.97 10.05 -5.94
CA VAL B 49 10.88 10.62 -6.94
C VAL B 49 12.12 9.73 -6.92
N ARG B 50 12.58 9.31 -8.10
CA ARG B 50 13.62 8.29 -8.21
C ARG B 50 14.93 8.76 -7.56
N GLN B 51 15.43 7.95 -6.62
CA GLN B 51 16.63 8.24 -5.87
C GLN B 51 17.75 7.29 -6.21
N ASP B 52 18.97 7.82 -6.26
CA ASP B 52 20.18 7.02 -6.23
C ASP B 52 20.27 6.37 -4.84
N ALA B 53 20.60 5.08 -4.80
CA ALA B 53 20.59 4.30 -3.55
C ALA B 53 21.59 4.83 -2.50
N GLN B 54 22.77 5.22 -2.93
CA GLN B 54 23.79 5.77 -2.02
C GLN B 54 23.36 7.14 -1.51
N LYS B 55 22.83 7.99 -2.41
CA LYS B 55 22.31 9.30 -2.02
C LYS B 55 21.17 9.21 -1.00
N LEU B 56 20.23 8.27 -1.21
CA LEU B 56 19.10 8.05 -0.29
C LEU B 56 19.55 7.65 1.11
N ARG B 57 20.47 6.69 1.19
CA ARG B 57 20.99 6.24 2.49
C ARG B 57 21.69 7.37 3.22
N LYS B 58 22.57 8.07 2.51
CA LYS B 58 23.29 9.22 3.09
C LYS B 58 22.32 10.32 3.52
N ALA B 59 21.35 10.64 2.67
CA ALA B 59 20.36 11.69 2.95
C ALA B 59 19.48 11.37 4.15
N THR B 60 19.16 10.09 4.35
CA THR B 60 18.39 9.68 5.53
C THR B 60 19.14 10.05 6.81
N LEU B 61 20.43 9.74 6.84
CA LEU B 61 21.27 10.02 7.98
C LEU B 61 21.58 11.51 8.11
N ASP B 62 21.77 12.20 6.97
CA ASP B 62 21.89 13.66 6.95
C ASP B 62 20.66 14.30 7.63
N THR B 63 19.46 13.83 7.25
CA THR B 63 18.21 14.39 7.76
C THR B 63 18.06 14.18 9.26
N LEU B 64 18.37 12.97 9.73
CA LEU B 64 18.36 12.67 11.17
C LEU B 64 19.30 13.60 11.96
N ALA B 65 20.53 13.74 11.48
CA ALA B 65 21.51 14.64 12.10
C ALA B 65 21.06 16.11 12.08
N LEU B 66 20.38 16.49 11.01
CA LEU B 66 19.81 17.84 10.88
C LEU B 66 18.69 18.12 11.90
N TYR B 67 17.81 17.13 12.12
CA TYR B 67 16.78 17.23 13.18
C TYR B 67 17.45 17.49 14.52
N LEU B 68 18.47 16.69 14.82
CA LEU B 68 19.22 16.81 16.09
C LEU B 68 19.90 18.18 16.21
N ALA B 69 20.55 18.60 15.12
CA ALA B 69 21.18 19.94 15.04
C ALA B 69 20.21 21.09 15.28
N CYS B 70 18.98 20.96 14.76
CA CYS B 70 17.95 21.99 14.96
C CYS B 70 17.46 22.12 16.41
N GLY B 71 17.69 21.09 17.23
CA GLY B 71 17.25 21.07 18.61
C GLY B 71 16.23 19.99 18.95
N ILE B 72 15.93 19.10 18.00
CA ILE B 72 15.05 17.97 18.28
C ILE B 72 15.81 17.04 19.21
N ASP B 73 15.24 16.80 20.38
CA ASP B 73 15.91 16.17 21.50
C ASP B 73 15.34 14.76 21.61
N PRO B 74 16.19 13.73 21.42
CA PRO B 74 15.68 12.36 21.49
C PRO B 74 15.23 11.91 22.88
N GLU B 75 15.57 12.66 23.93
CA GLU B 75 15.04 12.45 25.28
C GLU B 75 13.60 12.99 25.46
N LYS B 76 13.20 13.92 24.60
CA LYS B 76 11.85 14.53 24.64
C LYS B 76 10.92 14.03 23.54
N SER B 77 11.46 13.89 22.33
CA SER B 77 10.69 13.50 21.15
C SER B 77 11.07 12.11 20.64
N THR B 78 10.12 11.45 20.00
CA THR B 78 10.39 10.21 19.27
C THR B 78 10.87 10.59 17.88
N ILE B 79 12.03 10.08 17.47
CA ILE B 79 12.61 10.36 16.16
C ILE B 79 12.87 9.02 15.48
N PHE B 80 12.30 8.80 14.31
CA PHE B 80 12.47 7.53 13.62
C PHE B 80 12.40 7.62 12.10
N VAL B 81 12.83 6.53 11.47
CA VAL B 81 12.81 6.38 10.03
C VAL B 81 11.55 5.58 9.66
N GLN B 82 10.78 6.15 8.74
CA GLN B 82 9.48 5.61 8.31
C GLN B 82 9.50 4.13 7.96
N SER B 83 10.46 3.73 7.11
CA SER B 83 10.58 2.34 6.66
C SER B 83 10.88 1.33 7.77
N HIS B 84 11.36 1.81 8.93
CA HIS B 84 11.61 0.95 10.10
C HIS B 84 10.34 0.49 10.83
N VAL B 85 9.19 1.07 10.50
CA VAL B 85 7.93 0.76 11.17
C VAL B 85 6.94 0.28 10.09
N PRO B 86 6.82 -1.07 9.92
CA PRO B 86 5.94 -1.65 8.89
C PRO B 86 4.50 -1.15 8.89
N GLU B 87 3.98 -0.79 10.07
CA GLU B 87 2.61 -0.33 10.25
C GLU B 87 2.23 0.84 9.32
N HIS B 88 3.21 1.65 8.94
CA HIS B 88 2.96 2.76 8.02
C HIS B 88 2.45 2.25 6.68
N ALA B 89 3.17 1.29 6.10
CA ALA B 89 2.77 0.67 4.84
C ALA B 89 1.49 -0.15 4.97
N GLN B 90 1.33 -0.82 6.12
CA GLN B 90 0.15 -1.62 6.40
C GLN B 90 -1.10 -0.76 6.46
N LEU B 91 -1.06 0.31 7.25
CA LEU B 91 -2.21 1.23 7.33
C LEU B 91 -2.38 1.99 6.03
N GLY B 92 -1.25 2.31 5.38
CA GLY B 92 -1.24 2.91 4.05
C GLY B 92 -2.08 2.14 3.04
N TRP B 93 -1.93 0.81 3.02
CA TRP B 93 -2.77 -0.01 2.15
C TRP B 93 -4.24 0.05 2.56
N ALA B 94 -4.53 -0.16 3.84
CA ALA B 94 -5.92 -0.18 4.32
C ALA B 94 -6.66 1.12 4.00
N LEU B 95 -6.00 2.25 4.21
CA LEU B 95 -6.63 3.55 3.93
C LEU B 95 -6.83 3.86 2.44
N ASN B 96 -6.12 3.17 1.54
CA ASN B 96 -6.46 3.23 0.11
C ASN B 96 -7.92 2.89 -0.16
N CYS B 97 -8.46 1.95 0.60
CA CYS B 97 -9.83 1.49 0.42
C CYS B 97 -10.90 2.46 0.95
N TYR B 98 -10.47 3.49 1.69
CA TYR B 98 -11.35 4.55 2.19
C TYR B 98 -10.96 5.93 1.63
N THR B 99 -10.21 5.92 0.53
CA THR B 99 -9.81 7.13 -0.19
C THR B 99 -10.31 7.00 -1.61
N TYR B 100 -10.83 8.09 -2.16
CA TYR B 100 -11.37 8.10 -3.53
C TYR B 100 -10.31 8.49 -4.54
N PHE B 101 -10.38 7.88 -5.72
CA PHE B 101 -9.48 8.21 -6.83
C PHE B 101 -9.46 9.71 -7.12
N GLY B 102 -10.65 10.32 -7.16
CA GLY B 102 -10.80 11.76 -7.43
C GLY B 102 -10.14 12.69 -6.43
N GLU B 103 -10.16 12.30 -5.16
CA GLU B 103 -9.43 13.03 -4.10
C GLU B 103 -7.93 13.09 -4.37
N LEU B 104 -7.37 12.02 -4.93
CA LEU B 104 -5.94 11.92 -5.21
C LEU B 104 -5.53 12.58 -6.53
N SER B 105 -6.34 12.42 -7.58
CA SER B 105 -6.04 13.01 -8.89
C SER B 105 -6.08 14.55 -8.89
N ARG B 106 -6.86 15.14 -7.98
CA ARG B 106 -6.97 16.60 -7.86
C ARG B 106 -5.84 17.26 -7.05
N MET B 107 -4.92 16.47 -6.50
CA MET B 107 -3.86 17.00 -5.64
C MET B 107 -2.83 17.84 -6.41
N THR B 108 -2.52 19.01 -5.85
CA THR B 108 -1.55 19.94 -6.43
C THR B 108 -0.13 19.36 -6.52
N GLN B 109 0.32 18.68 -5.47
CA GLN B 109 1.66 18.07 -5.49
C GLN B 109 1.78 17.02 -6.58
N PHE B 110 0.78 16.15 -6.71
CA PHE B 110 0.79 15.12 -7.74
C PHE B 110 0.92 15.74 -9.12
N LYS B 111 0.14 16.80 -9.38
CA LYS B 111 0.18 17.51 -10.66
C LYS B 111 1.52 18.17 -10.93
N ASP B 112 2.05 18.88 -9.92
CA ASP B 112 3.33 19.58 -10.05
C ASP B 112 4.50 18.61 -10.21
N LYS B 113 4.53 17.55 -9.41
CA LYS B 113 5.59 16.55 -9.50
C LYS B 113 5.50 15.75 -10.82
N SER B 114 4.29 15.49 -11.30
CA SER B 114 4.08 14.80 -12.58
C SER B 114 4.59 15.61 -13.76
N ALA B 115 4.30 16.91 -13.77
CA ALA B 115 4.80 17.83 -14.79
C ALA B 115 6.33 17.89 -14.78
N ARG B 116 6.91 17.84 -13.58
CA ARG B 116 8.36 17.88 -13.44
C ARG B 116 9.04 16.57 -13.83
N TYR B 117 8.46 15.45 -13.41
CA TYR B 117 9.01 14.12 -13.67
C TYR B 117 8.09 13.32 -14.60
N ALA B 118 7.96 13.81 -15.84
CA ALA B 118 7.10 13.19 -16.86
C ALA B 118 7.47 11.73 -17.17
N GLU B 119 8.76 11.40 -17.06
CA GLU B 119 9.27 10.04 -17.32
C GLU B 119 9.07 9.07 -16.15
N ASN B 120 8.59 9.55 -15.00
CA ASN B 120 8.35 8.68 -13.84
C ASN B 120 7.12 9.17 -13.05
N ILE B 121 5.98 9.20 -13.74
CA ILE B 121 4.68 9.43 -13.09
C ILE B 121 4.24 8.07 -12.56
N ASN B 122 4.62 7.79 -11.31
CA ASN B 122 4.42 6.47 -10.71
C ASN B 122 3.28 6.44 -9.71
N ALA B 123 2.84 5.23 -9.37
CA ALA B 123 1.71 5.00 -8.48
C ALA B 123 1.97 5.49 -7.06
N GLY B 124 3.24 5.46 -6.63
CA GLY B 124 3.64 5.99 -5.33
C GLY B 124 3.40 7.49 -5.26
N LEU B 125 3.78 8.18 -6.32
CA LEU B 125 3.55 9.63 -6.43
C LEU B 125 2.05 9.97 -6.32
N PHE B 126 1.22 9.17 -6.99
CA PHE B 126 -0.25 9.30 -6.93
C PHE B 126 -0.80 8.98 -5.54
N ASP B 127 -0.34 7.88 -4.98
CA ASP B 127 -0.82 7.37 -3.69
C ASP B 127 -0.18 8.08 -2.48
N TYR B 128 0.79 8.95 -2.75
CA TYR B 128 1.48 9.76 -1.73
C TYR B 128 0.60 10.22 -0.55
N PRO B 129 -0.56 10.87 -0.81
CA PRO B 129 -1.35 11.37 0.33
C PRO B 129 -1.94 10.31 1.28
N VAL B 130 -2.15 9.09 0.79
CA VAL B 130 -2.75 8.03 1.61
C VAL B 130 -1.72 7.50 2.62
N LEU B 131 -0.49 7.28 2.16
CA LEU B 131 0.59 6.89 3.07
C LEU B 131 0.85 8.00 4.08
N MET B 132 0.76 9.25 3.65
CA MET B 132 0.87 10.39 4.55
C MET B 132 -0.24 10.40 5.62
N ALA B 133 -1.47 10.15 5.20
CA ALA B 133 -2.59 10.01 6.14
C ALA B 133 -2.33 8.87 7.14
N ALA B 134 -1.84 7.74 6.65
CA ALA B 134 -1.44 6.63 7.52
C ALA B 134 -0.36 7.05 8.53
N ASP B 135 0.65 7.79 8.06
CA ASP B 135 1.74 8.29 8.94
C ASP B 135 1.16 9.05 10.14
N ILE B 136 0.20 9.93 9.86
CA ILE B 136 -0.41 10.78 10.89
C ILE B 136 -1.35 9.98 11.80
N LEU B 137 -2.26 9.23 11.18
CA LEU B 137 -3.33 8.56 11.93
C LEU B 137 -2.86 7.44 12.84
N LEU B 138 -1.72 6.83 12.52
CA LEU B 138 -1.16 5.77 13.39
C LEU B 138 -0.91 6.20 14.82
N TYR B 139 -0.54 7.46 15.03
CA TYR B 139 -0.11 7.94 16.35
C TYR B 139 -1.17 8.69 17.15
N GLN B 140 -2.44 8.59 16.76
CA GLN B 140 -3.53 9.31 17.44
C GLN B 140 -3.21 10.81 17.50
N THR B 141 -2.76 11.32 16.36
CA THR B 141 -2.17 12.65 16.25
C THR B 141 -3.21 13.74 16.35
N ASN B 142 -2.92 14.73 17.20
CA ASN B 142 -3.78 15.91 17.37
C ASN B 142 -3.31 17.10 16.52
N LEU B 143 -2.00 17.30 16.40
CA LEU B 143 -1.42 18.45 15.68
C LEU B 143 -0.34 18.01 14.69
N VAL B 144 -0.35 18.61 13.51
CA VAL B 144 0.59 18.28 12.45
C VAL B 144 1.27 19.57 11.96
N PRO B 145 2.49 19.87 12.46
CA PRO B 145 3.18 21.09 12.01
C PRO B 145 3.81 20.93 10.63
N VAL B 146 3.25 21.64 9.66
CA VAL B 146 3.70 21.63 8.27
C VAL B 146 3.70 23.03 7.69
N GLY B 147 4.31 23.17 6.51
CA GLY B 147 4.20 24.38 5.72
C GLY B 147 2.87 24.43 4.97
N GLU B 148 2.60 25.59 4.38
CA GLU B 148 1.36 25.83 3.61
C GLU B 148 1.14 24.83 2.48
N ASP B 149 2.22 24.42 1.82
CA ASP B 149 2.14 23.52 0.66
C ASP B 149 1.57 22.12 0.98
N GLN B 150 1.63 21.71 2.23
CA GLN B 150 1.07 20.42 2.69
C GLN B 150 -0.36 20.50 3.24
N LYS B 151 -0.97 21.67 3.19
CA LYS B 151 -2.32 21.89 3.73
C LYS B 151 -3.36 20.99 3.05
N GLN B 152 -3.29 20.87 1.74
CA GLN B 152 -4.22 20.03 0.97
C GLN B 152 -4.13 18.55 1.38
N HIS B 153 -2.91 18.03 1.52
CA HIS B 153 -2.70 16.66 2.01
C HIS B 153 -3.27 16.44 3.40
N LEU B 154 -3.03 17.42 4.28
CA LEU B 154 -3.51 17.36 5.66
C LEU B 154 -5.03 17.32 5.71
N GLU B 155 -5.67 18.13 4.87
CA GLU B 155 -7.13 18.13 4.74
C GLU B 155 -7.69 16.78 4.32
N LEU B 156 -7.01 16.08 3.42
CA LEU B 156 -7.43 14.72 3.04
C LEU B 156 -7.31 13.76 4.21
N SER B 157 -6.23 13.84 4.98
CA SER B 157 -6.06 12.98 6.15
C SER B 157 -7.20 13.14 7.16
N ARG B 158 -7.70 14.38 7.29
CA ARG B 158 -8.87 14.66 8.15
C ARG B 158 -10.14 14.00 7.59
N ASP B 159 -10.33 14.10 6.27
CA ASP B 159 -11.48 13.48 5.61
C ASP B 159 -11.46 11.96 5.75
N ILE B 160 -10.27 11.36 5.59
CA ILE B 160 -10.11 9.91 5.74
C ILE B 160 -10.41 9.47 7.18
N ALA B 161 -9.88 10.19 8.16
CA ALA B 161 -10.12 9.90 9.58
C ALA B 161 -11.61 9.96 9.94
N GLN B 162 -12.27 11.03 9.50
CA GLN B 162 -13.71 11.22 9.71
C GLN B 162 -14.56 10.12 9.05
N ARG B 163 -14.22 9.81 7.80
CA ARG B 163 -14.92 8.77 7.02
C ARG B 163 -14.81 7.39 7.67
N PHE B 164 -13.59 7.02 8.06
CA PHE B 164 -13.33 5.76 8.74
C PHE B 164 -14.02 5.70 10.10
N ASN B 165 -13.90 6.78 10.88
CA ASN B 165 -14.53 6.85 12.20
C ASN B 165 -16.06 6.73 12.13
N ALA B 166 -16.65 7.35 11.11
CA ALA B 166 -18.09 7.28 10.89
C ALA B 166 -18.61 5.86 10.71
N LEU B 167 -17.79 4.99 10.10
CA LEU B 167 -18.15 3.59 9.89
C LEU B 167 -17.87 2.70 11.12
N TYR B 168 -16.74 2.95 11.78
CA TYR B 168 -16.18 1.97 12.72
C TYR B 168 -16.08 2.39 14.21
N GLY B 169 -16.23 3.67 14.52
CA GLY B 169 -16.12 4.16 15.90
C GLY B 169 -14.95 5.11 16.08
N GLU B 170 -14.53 5.33 17.32
CA GLU B 170 -13.47 6.31 17.63
C GLU B 170 -12.06 5.73 17.44
N ILE B 171 -11.74 5.35 16.21
CA ILE B 171 -10.49 4.65 15.91
C ILE B 171 -9.32 5.61 15.75
N PHE B 172 -9.55 6.71 15.03
CA PHE B 172 -8.55 7.76 14.81
C PHE B 172 -8.93 9.07 15.49
N LYS B 173 -7.92 9.84 15.88
CA LYS B 173 -8.11 11.26 16.17
C LYS B 173 -8.16 12.00 14.83
N VAL B 174 -8.99 13.04 14.75
CA VAL B 174 -8.98 13.92 13.58
C VAL B 174 -7.90 14.97 13.82
N PRO B 175 -6.81 14.96 13.00
CA PRO B 175 -5.69 15.87 13.23
C PRO B 175 -5.99 17.30 12.76
N GLU B 176 -5.28 18.26 13.33
CA GLU B 176 -5.37 19.65 12.91
C GLU B 176 -4.03 20.16 12.41
N PRO B 177 -4.04 21.02 11.36
CA PRO B 177 -2.79 21.62 10.89
C PRO B 177 -2.25 22.65 11.86
N PHE B 178 -0.92 22.73 11.96
CA PHE B 178 -0.24 23.77 12.70
C PHE B 178 0.75 24.45 11.74
N ILE B 179 0.29 25.53 11.11
CA ILE B 179 1.04 26.22 10.07
C ILE B 179 1.39 27.59 10.65
N PRO B 180 2.69 27.99 10.58
CA PRO B 180 3.10 29.21 11.26
C PRO B 180 2.61 30.47 10.55
N LYS B 181 2.58 31.58 11.28
CA LYS B 181 2.11 32.87 10.73
C LYS B 181 3.15 33.48 9.80
N SER B 182 4.43 33.34 10.15
CA SER B 182 5.55 33.71 9.28
C SER B 182 6.25 32.44 8.78
N GLY B 183 6.81 32.52 7.58
CA GLY B 183 7.66 31.45 7.05
C GLY B 183 6.94 30.17 6.67
N ALA B 184 5.63 30.23 6.48
CA ALA B 184 4.85 29.05 6.06
C ALA B 184 5.08 28.68 4.60
N ARG B 185 5.50 29.64 3.78
CA ARG B 185 5.77 29.41 2.36
C ARG B 185 6.88 30.35 1.88
N VAL B 186 8.11 29.99 2.22
CA VAL B 186 9.28 30.78 1.84
C VAL B 186 9.51 30.60 0.34
N MET B 187 9.77 31.71 -0.34
CA MET B 187 9.81 31.73 -1.80
C MET B 187 11.23 31.74 -2.35
N SER B 188 11.35 31.36 -3.62
CA SER B 188 12.63 31.27 -4.31
C SER B 188 13.24 32.65 -4.48
N LEU B 189 14.57 32.74 -4.34
CA LEU B 189 15.27 34.02 -4.33
C LEU B 189 15.32 34.73 -5.68
N LEU B 190 15.40 33.96 -6.77
CA LEU B 190 15.37 34.53 -8.14
C LEU B 190 14.00 34.44 -8.81
N GLU B 191 13.04 33.81 -8.15
CA GLU B 191 11.69 33.65 -8.68
C GLU B 191 10.68 33.64 -7.51
N PRO B 192 10.45 34.81 -6.88
CA PRO B 192 9.67 34.86 -5.62
C PRO B 192 8.17 34.56 -5.71
N THR B 193 7.66 34.28 -6.92
CA THR B 193 6.30 33.74 -7.10
C THR B 193 6.25 32.20 -7.01
N LYS B 194 7.41 31.56 -6.88
CA LYS B 194 7.55 30.10 -6.79
C LYS B 194 8.14 29.76 -5.43
N LYS B 195 7.56 28.78 -4.73
CA LYS B 195 8.03 28.43 -3.39
C LYS B 195 9.45 27.87 -3.46
N MET B 196 10.21 28.05 -2.39
CA MET B 196 11.57 27.55 -2.32
C MET B 196 11.54 26.02 -2.31
N SER B 197 12.28 25.43 -3.25
CA SER B 197 12.33 23.98 -3.46
C SER B 197 13.60 23.43 -2.83
N LYS B 198 13.51 22.23 -2.25
CA LYS B 198 14.70 21.54 -1.75
C LYS B 198 15.42 20.73 -2.84
N SER B 199 14.90 20.71 -4.06
CA SER B 199 15.53 20.02 -5.19
C SER B 199 15.58 20.92 -6.45
N ASP B 200 15.91 22.19 -6.26
CA ASP B 200 15.89 23.15 -7.37
C ASP B 200 17.11 22.93 -8.27
N ASP B 201 16.87 22.91 -9.58
CA ASP B 201 17.96 22.82 -10.57
C ASP B 201 18.87 24.04 -10.53
N ASN B 202 18.31 25.21 -10.18
CA ASN B 202 19.10 26.42 -9.96
C ASN B 202 19.29 26.65 -8.45
N ARG B 203 20.51 26.36 -7.98
CA ARG B 203 20.86 26.50 -6.56
C ARG B 203 20.76 27.94 -6.02
N ASN B 204 20.83 28.93 -6.91
CA ASN B 204 20.72 30.34 -6.51
C ASN B 204 19.33 30.76 -6.02
N ASN B 205 18.31 29.95 -6.29
CA ASN B 205 16.97 30.13 -5.72
C ASN B 205 16.86 29.78 -4.24
N VAL B 206 17.84 29.05 -3.69
CA VAL B 206 17.69 28.33 -2.45
C VAL B 206 18.69 28.77 -1.37
N ILE B 207 18.25 28.76 -0.12
CA ILE B 207 19.12 28.82 1.05
C ILE B 207 19.09 27.43 1.70
N GLY B 208 20.14 26.65 1.49
CA GLY B 208 20.23 25.30 2.03
C GLY B 208 20.73 25.34 3.46
N LEU B 209 20.19 24.49 4.31
CA LEU B 209 20.58 24.47 5.73
C LEU B 209 22.05 24.07 5.94
N LEU B 210 22.59 23.24 5.05
CA LEU B 210 24.01 22.80 5.12
C LEU B 210 24.94 23.50 4.13
N GLU B 211 24.46 24.54 3.45
CA GLU B 211 25.28 25.28 2.48
C GLU B 211 26.21 26.25 3.20
N ASP B 212 27.38 26.46 2.60
CA ASP B 212 28.38 27.43 3.08
C ASP B 212 27.69 28.78 3.32
N PRO B 213 27.71 29.30 4.57
CA PRO B 213 27.13 30.62 4.86
C PRO B 213 27.58 31.74 3.93
N LYS B 214 28.86 31.74 3.54
CA LYS B 214 29.39 32.73 2.58
C LYS B 214 28.64 32.69 1.23
N SER B 215 28.37 31.48 0.74
CA SER B 215 27.57 31.28 -0.48
C SER B 215 26.13 31.77 -0.31
N VAL B 216 25.54 31.49 0.85
CA VAL B 216 24.18 31.92 1.16
C VAL B 216 24.06 33.45 1.22
N VAL B 217 25.06 34.11 1.80
CA VAL B 217 25.10 35.58 1.87
C VAL B 217 25.16 36.21 0.45
N LYS B 218 25.97 35.63 -0.43
CA LYS B 218 26.03 36.08 -1.82
C LYS B 218 24.67 35.93 -2.52
N LYS B 219 23.98 34.81 -2.26
CA LYS B 219 22.66 34.56 -2.86
C LYS B 219 21.60 35.55 -2.37
N ILE B 220 21.65 35.89 -1.09
CA ILE B 220 20.73 36.87 -0.51
C ILE B 220 20.92 38.24 -1.18
N LYS B 221 22.16 38.64 -1.42
CA LYS B 221 22.46 39.94 -2.05
C LYS B 221 21.95 40.01 -3.50
N ARG B 222 21.89 38.86 -4.18
CA ARG B 222 21.40 38.77 -5.57
C ARG B 222 19.90 38.45 -5.69
N ALA B 223 19.20 38.32 -4.56
CA ALA B 223 17.76 38.05 -4.59
C ALA B 223 17.04 39.19 -5.29
N VAL B 224 16.11 38.85 -6.17
CA VAL B 224 15.39 39.88 -6.94
C VAL B 224 14.43 40.64 -6.03
N THR B 225 14.33 41.94 -6.26
CA THR B 225 13.45 42.81 -5.50
C THR B 225 12.46 43.42 -6.49
N ASP B 226 12.50 44.74 -6.68
CA ASP B 226 11.55 45.39 -7.58
C ASP B 226 12.13 46.71 -8.07
N SER B 227 11.40 47.35 -8.97
CA SER B 227 11.82 48.61 -9.59
C SER B 227 11.29 49.87 -8.90
N ASP B 228 10.70 49.74 -7.71
CA ASP B 228 10.09 50.88 -7.02
C ASP B 228 11.08 52.02 -6.85
N GLU B 229 10.61 53.24 -7.14
CA GLU B 229 11.44 54.43 -7.03
C GLU B 229 10.69 55.49 -6.23
N PRO B 230 11.16 55.84 -5.01
CA PRO B 230 12.37 55.26 -4.38
C PRO B 230 12.16 53.83 -3.89
N PRO B 231 13.26 53.07 -3.69
CA PRO B 231 13.11 51.76 -3.05
C PRO B 231 12.49 51.92 -1.66
N VAL B 232 11.51 51.10 -1.33
CA VAL B 232 10.84 51.15 -0.03
C VAL B 232 10.65 49.73 0.47
N VAL B 233 11.02 49.51 1.73
CA VAL B 233 10.90 48.20 2.37
C VAL B 233 9.48 48.12 2.95
N ARG B 234 8.58 47.48 2.20
CA ARG B 234 7.17 47.37 2.55
C ARG B 234 6.63 46.02 2.08
N TYR B 235 5.76 45.41 2.88
CA TYR B 235 5.20 44.10 2.59
C TYR B 235 4.03 44.22 1.60
N ASP B 236 4.19 43.57 0.45
CA ASP B 236 3.16 43.54 -0.59
C ASP B 236 3.51 42.39 -1.52
N VAL B 237 2.83 41.25 -1.35
CA VAL B 237 3.19 40.02 -2.07
C VAL B 237 2.90 40.16 -3.57
N GLN B 238 1.85 40.92 -3.91
CA GLN B 238 1.41 41.14 -5.28
C GLN B 238 2.44 41.95 -6.10
N ASN B 239 2.85 43.09 -5.56
CA ASN B 239 3.71 44.07 -6.27
C ASN B 239 5.19 44.05 -5.83
N LYS B 240 5.49 43.46 -4.68
CA LYS B 240 6.86 43.44 -4.13
C LYS B 240 7.17 42.04 -3.57
N ALA B 241 7.06 41.03 -4.43
CA ALA B 241 7.24 39.62 -4.00
C ALA B 241 8.60 39.35 -3.36
N GLY B 242 9.66 39.86 -3.96
CA GLY B 242 11.03 39.62 -3.48
C GLY B 242 11.32 40.27 -2.15
N VAL B 243 10.95 41.53 -2.02
CA VAL B 243 11.12 42.29 -0.78
C VAL B 243 10.26 41.67 0.33
N SER B 244 9.02 41.31 0.00
CA SER B 244 8.10 40.66 0.95
C SER B 244 8.66 39.34 1.46
N ASN B 245 9.22 38.54 0.55
CA ASN B 245 9.85 37.28 0.90
C ASN B 245 11.07 37.47 1.83
N LEU B 246 11.87 38.49 1.55
CA LEU B 246 13.01 38.85 2.42
C LEU B 246 12.55 39.27 3.82
N LEU B 247 11.49 40.09 3.89
CA LEU B 247 10.88 40.47 5.17
C LEU B 247 10.34 39.27 5.95
N ASP B 248 9.68 38.37 5.22
CA ASP B 248 9.15 37.12 5.79
C ASP B 248 10.27 36.27 6.40
N ILE B 249 11.37 36.10 5.67
CA ILE B 249 12.54 35.35 6.16
C ILE B 249 13.12 36.03 7.39
N LEU B 250 13.34 37.34 7.33
CA LEU B 250 13.90 38.09 8.46
C LEU B 250 13.03 37.99 9.70
N SER B 251 11.71 38.14 9.52
CA SER B 251 10.73 38.01 10.58
C SER B 251 10.79 36.62 11.24
N ALA B 252 10.87 35.58 10.42
CA ALA B 252 10.91 34.20 10.91
C ALA B 252 12.18 33.87 11.70
N VAL B 253 13.32 34.47 11.31
CA VAL B 253 14.59 34.24 12.00
C VAL B 253 14.66 34.95 13.35
N THR B 254 14.40 36.25 13.31
CA THR B 254 14.58 37.13 14.48
C THR B 254 13.38 37.12 15.43
N GLY B 255 12.22 36.69 14.94
CA GLY B 255 10.96 36.74 15.70
C GLY B 255 10.25 38.09 15.67
N GLN B 256 10.78 39.05 14.92
CA GLN B 256 10.22 40.41 14.86
C GLN B 256 9.08 40.42 13.86
N SER B 257 8.03 41.19 14.16
CA SER B 257 6.86 41.27 13.28
C SER B 257 7.16 42.09 12.03
N ILE B 258 6.27 41.99 11.04
CA ILE B 258 6.40 42.75 9.79
C ILE B 258 6.25 44.26 10.05
N PRO B 259 5.18 44.70 10.75
CA PRO B 259 5.08 46.11 11.16
C PRO B 259 6.33 46.64 11.87
N GLU B 260 6.92 45.83 12.74
CA GLU B 260 8.16 46.16 13.42
C GLU B 260 9.31 46.39 12.43
N LEU B 261 9.47 45.44 11.50
CA LEU B 261 10.54 45.53 10.49
C LEU B 261 10.30 46.69 9.52
N GLU B 262 9.06 46.88 9.07
CA GLU B 262 8.71 48.03 8.22
C GLU B 262 9.09 49.36 8.87
N LYS B 263 8.75 49.52 10.15
CA LYS B 263 9.16 50.69 10.94
C LYS B 263 10.68 50.83 11.02
N GLN B 264 11.37 49.71 11.28
CA GLN B 264 12.83 49.66 11.37
C GLN B 264 13.55 50.06 10.07
N PHE B 265 12.95 49.73 8.92
CA PHE B 265 13.57 50.03 7.62
C PHE B 265 13.06 51.33 6.98
N GLU B 266 12.29 52.14 7.73
CA GLU B 266 11.88 53.48 7.25
C GLU B 266 13.10 54.32 6.91
N GLY B 267 13.08 54.95 5.74
CA GLY B 267 14.22 55.73 5.25
C GLY B 267 15.40 54.91 4.75
N LYS B 268 15.25 53.59 4.71
CA LYS B 268 16.29 52.67 4.25
C LYS B 268 15.80 51.98 2.99
N MET B 269 16.73 51.33 2.31
CA MET B 269 16.46 50.70 1.02
C MET B 269 16.89 49.24 1.08
N TYR B 270 17.10 48.59 -0.05
CA TYR B 270 17.25 47.14 -0.06
C TYR B 270 18.62 46.65 0.42
N GLY B 271 19.62 47.54 0.41
CA GLY B 271 20.92 47.26 1.02
C GLY B 271 20.82 46.94 2.50
N HIS B 272 20.09 47.76 3.24
CA HIS B 272 19.85 47.51 4.68
C HIS B 272 19.06 46.23 4.93
N LEU B 273 18.00 46.03 4.15
CA LEU B 273 17.18 44.82 4.24
C LEU B 273 18.01 43.55 4.02
N LYS B 274 18.73 43.51 2.91
CA LYS B 274 19.56 42.35 2.54
C LYS B 274 20.73 42.14 3.50
N GLY B 275 21.34 43.22 3.98
CA GLY B 275 22.39 43.16 4.99
C GLY B 275 21.90 42.47 6.25
N GLU B 276 20.70 42.84 6.71
CA GLU B 276 20.13 42.28 7.93
C GLU B 276 19.64 40.84 7.74
N VAL B 277 19.04 40.54 6.60
CA VAL B 277 18.64 39.16 6.26
C VAL B 277 19.88 38.25 6.21
N ALA B 278 20.94 38.72 5.55
CA ALA B 278 22.18 37.96 5.42
C ALA B 278 22.82 37.70 6.79
N ASP B 279 22.94 38.73 7.61
CA ASP B 279 23.50 38.62 8.97
C ASP B 279 22.77 37.57 9.80
N ALA B 280 21.44 37.69 9.86
CA ALA B 280 20.59 36.79 10.64
C ALA B 280 20.67 35.34 10.15
N VAL B 281 20.56 35.13 8.84
CA VAL B 281 20.59 33.78 8.27
C VAL B 281 21.99 33.16 8.36
N SER B 282 23.03 33.93 8.05
CA SER B 282 24.42 33.45 8.17
C SER B 282 24.75 32.97 9.59
N GLY B 283 24.33 33.75 10.59
CA GLY B 283 24.51 33.37 12.00
C GLY B 283 23.80 32.09 12.39
N MET B 284 22.55 31.95 11.94
CA MET B 284 21.74 30.76 12.22
C MET B 284 22.37 29.49 11.63
N LEU B 285 22.78 29.56 10.36
CA LEU B 285 23.37 28.41 9.66
C LEU B 285 24.76 28.03 10.18
N THR B 286 25.57 29.03 10.56
CA THR B 286 26.87 28.77 11.17
C THR B 286 26.71 27.93 12.45
N GLU B 287 25.83 28.38 13.34
CA GLU B 287 25.50 27.64 14.59
C GLU B 287 24.96 26.25 14.30
N LEU B 288 23.95 26.20 13.43
CA LEU B 288 23.30 24.95 13.05
C LEU B 288 24.29 23.91 12.54
N GLN B 289 25.13 24.34 11.61
CA GLN B 289 26.11 23.45 10.97
C GLN B 289 27.18 22.96 11.96
N GLU B 290 27.51 23.79 12.94
CA GLU B 290 28.44 23.43 14.00
C GLU B 290 27.92 22.24 14.82
N ARG B 291 26.66 22.33 15.25
CA ARG B 291 26.00 21.20 15.93
C ARG B 291 25.86 19.98 15.02
N TYR B 292 25.48 20.22 13.76
CA TYR B 292 25.24 19.15 12.78
C TYR B 292 26.39 18.14 12.67
N HIS B 293 27.62 18.65 12.51
CA HIS B 293 28.77 17.76 12.31
C HIS B 293 29.07 16.88 13.53
N ARG B 294 28.88 17.42 14.74
CA ARG B 294 29.01 16.62 15.97
C ARG B 294 28.06 15.42 16.00
N PHE B 295 26.83 15.63 15.55
CA PHE B 295 25.82 14.56 15.44
C PHE B 295 26.04 13.66 14.23
N ARG B 296 26.32 14.27 13.08
CA ARG B 296 26.38 13.55 11.82
C ARG B 296 27.54 12.54 11.74
N ASN B 297 28.66 12.87 12.38
CA ASN B 297 29.85 12.00 12.39
C ASN B 297 29.87 11.00 13.55
N ASP B 298 28.84 11.03 14.42
CA ASP B 298 28.73 10.12 15.55
C ASP B 298 27.72 9.01 15.19
N GLU B 299 28.19 8.00 14.46
CA GLU B 299 27.30 6.95 13.95
C GLU B 299 26.64 6.12 15.05
N ALA B 300 27.38 5.87 16.14
CA ALA B 300 26.82 5.14 17.28
C ALA B 300 25.59 5.86 17.87
N PHE B 301 25.66 7.18 17.97
CA PHE B 301 24.55 7.99 18.46
C PHE B 301 23.36 7.98 17.50
N LEU B 302 23.61 8.15 16.21
CA LEU B 302 22.52 8.11 15.21
C LEU B 302 21.86 6.74 15.20
N GLN B 303 22.67 5.68 15.29
CA GLN B 303 22.16 4.31 15.35
C GLN B 303 21.25 4.08 16.57
N GLN B 304 21.66 4.59 17.73
CA GLN B 304 20.86 4.44 18.96
C GLN B 304 19.54 5.25 18.91
N VAL B 305 19.59 6.44 18.32
CA VAL B 305 18.39 7.28 18.19
C VAL B 305 17.36 6.58 17.29
N MET B 306 17.83 6.01 16.17
CA MET B 306 16.95 5.26 15.27
C MET B 306 16.34 4.03 15.93
N LYS B 307 17.16 3.30 16.69
CA LYS B 307 16.69 2.11 17.41
C LYS B 307 15.60 2.46 18.43
N ASP B 308 15.92 3.39 19.32
CA ASP B 308 14.99 3.83 20.37
C ASP B 308 13.73 4.43 19.78
N GLY B 309 13.89 5.23 18.73
CA GLY B 309 12.75 5.88 18.08
C GLY B 309 11.78 4.92 17.43
N ALA B 310 12.30 3.94 16.70
CA ALA B 310 11.47 2.92 16.06
C ALA B 310 10.73 2.08 17.10
N GLU B 311 11.39 1.80 18.22
CA GLU B 311 10.78 1.06 19.34
C GLU B 311 9.57 1.82 19.91
N LYS B 312 9.77 3.11 20.21
CA LYS B 312 8.71 3.96 20.74
C LYS B 312 7.55 4.09 19.75
N ALA B 313 7.88 4.37 18.49
CA ALA B 313 6.89 4.52 17.43
C ALA B 313 6.08 3.23 17.23
N SER B 314 6.77 2.10 17.15
CA SER B 314 6.10 0.80 16.95
C SER B 314 5.04 0.49 18.00
N ALA B 315 5.33 0.84 19.26
CA ALA B 315 4.38 0.62 20.37
C ALA B 315 3.07 1.36 20.12
N HIS B 316 3.16 2.63 19.71
CA HIS B 316 1.99 3.43 19.35
C HIS B 316 1.29 2.90 18.09
N ALA B 317 2.07 2.68 17.04
CA ALA B 317 1.55 2.31 15.72
C ALA B 317 0.85 0.94 15.73
N SER B 318 1.48 -0.04 16.38
CA SER B 318 0.91 -1.39 16.50
C SER B 318 -0.46 -1.35 17.19
N ARG B 319 -0.59 -0.54 18.24
CA ARG B 319 -1.85 -0.37 18.97
C ARG B 319 -2.96 0.13 18.06
N THR B 320 -2.69 1.17 17.29
CA THR B 320 -3.66 1.73 16.36
C THR B 320 -4.00 0.75 15.23
N LEU B 321 -2.97 0.11 14.66
CA LEU B 321 -3.19 -0.83 13.55
C LEU B 321 -4.04 -2.02 14.00
N LYS B 322 -3.78 -2.52 15.22
CA LYS B 322 -4.58 -3.60 15.82
C LYS B 322 -6.07 -3.23 15.87
N ALA B 323 -6.38 -2.01 16.33
CA ALA B 323 -7.77 -1.53 16.39
C ALA B 323 -8.38 -1.35 15.00
N VAL B 324 -7.60 -0.85 14.04
CA VAL B 324 -8.04 -0.72 12.64
C VAL B 324 -8.40 -2.08 12.05
N TYR B 325 -7.48 -3.04 12.18
CA TYR B 325 -7.69 -4.39 11.68
C TYR B 325 -8.88 -5.09 12.32
N GLU B 326 -9.07 -4.91 13.63
CA GLU B 326 -10.25 -5.46 14.31
C GLU B 326 -11.54 -4.83 13.76
N ALA B 327 -11.53 -3.52 13.53
CA ALA B 327 -12.70 -2.80 13.03
C ALA B 327 -13.12 -3.20 11.61
N ILE B 328 -12.16 -3.30 10.69
CA ILE B 328 -12.48 -3.66 9.30
C ILE B 328 -12.83 -5.14 9.10
N GLY B 329 -12.49 -5.99 10.06
CA GLY B 329 -12.92 -7.39 10.07
C GLY B 329 -11.86 -8.43 9.74
N PHE B 330 -10.57 -8.07 9.88
CA PHE B 330 -9.50 -9.05 9.68
C PHE B 330 -9.42 -10.02 10.85
N VAL B 331 -9.03 -11.27 10.57
CA VAL B 331 -8.69 -12.23 11.61
C VAL B 331 -7.41 -11.72 12.26
N ALA B 332 -7.44 -11.53 13.58
CA ALA B 332 -6.30 -10.99 14.32
C ALA B 332 -5.12 -11.96 14.27
N LYS B 333 -3.94 -11.43 14.02
CA LYS B 333 -2.70 -12.22 14.02
C LYS B 333 -2.41 -12.74 15.42
N ARG B 334 -2.04 -14.02 15.52
CA ARG B 334 -1.70 -14.66 16.80
C ARG B 334 -0.31 -14.23 17.25
S SO4 C . -37.33 -37.69 -17.92
O1 SO4 C . -37.56 -39.09 -17.48
O2 SO4 C . -37.69 -36.75 -16.83
O3 SO4 C . -35.90 -37.53 -18.26
O4 SO4 C . -38.16 -37.40 -19.11
S SO4 D . -14.38 -19.00 -10.71
O1 SO4 D . -15.15 -17.78 -11.03
O2 SO4 D . -15.23 -19.91 -9.93
O3 SO4 D . -13.20 -18.62 -9.89
O4 SO4 D . -13.92 -19.65 -11.96
P TYM E . 9.15 17.72 2.57
O1P TYM E . 10.38 17.06 3.13
O2P TYM E . 9.02 18.01 1.08
O5' TYM E . 8.87 19.08 3.38
C5' TYM E . 9.05 19.07 4.80
C4' TYM E . 8.28 20.23 5.42
O4' TYM E . 8.77 21.45 4.86
C1' TYM E . 7.68 22.25 4.43
N9 TYM E . 8.13 23.12 3.33
C4 TYM E . 8.15 24.43 3.37
N3 TYM E . 7.78 25.36 4.28
C2 TYM E . 7.92 26.67 4.04
N1 TYM E . 8.42 27.15 2.87
C6 TYM E . 8.82 26.34 1.87
N6 TYM E . 9.30 26.82 0.70
C5 TYM E . 8.70 24.88 2.07
N7 TYM E . 8.96 23.76 1.36
C8 TYM E . 8.61 22.71 2.14
C2' TYM E . 6.58 21.27 4.07
O2' TYM E . 5.28 21.86 4.14
C3' TYM E . 6.78 20.20 5.12
O3' TYM E . 6.01 20.50 6.29
NH3 TYM E . 4.64 15.36 2.72
CA TYM E . 5.60 15.99 3.59
CB TYM E . 6.37 14.91 4.34
CG TYM E . 5.43 14.07 5.15
CD2 TYM E . 4.62 14.47 6.31
CE2 TYM E . 3.90 13.25 6.72
CE3 TYM E . 4.45 15.67 7.00
CD1 TYM E . 5.16 12.72 4.94
NE1 TYM E . 4.27 12.27 5.87
CZ2 TYM E . 3.04 13.32 7.81
CZ3 TYM E . 3.58 15.68 8.08
CH2 TYM E . 2.88 14.53 8.48
C TYM E . 6.55 16.86 2.82
O TYM E . 6.13 17.68 2.01
OPP TYM E . 7.97 16.74 3.07
S SO4 F . 10.54 20.22 -3.47
O1 SO4 F . 9.41 19.29 -3.30
O2 SO4 F . 10.66 21.10 -2.28
O3 SO4 F . 11.79 19.44 -3.61
O4 SO4 F . 10.32 21.04 -4.68
S SO4 G . 28.00 15.95 5.33
O1 SO4 G . 28.33 15.07 6.48
O2 SO4 G . 26.55 16.29 5.38
O3 SO4 G . 28.31 15.25 4.07
O4 SO4 G . 28.81 17.19 5.42
#